data_6EEJ
#
_entry.id   6EEJ
#
_cell.length_a   157.050
_cell.length_b   123.746
_cell.length_c   53.097
_cell.angle_alpha   90.00
_cell.angle_beta   90.00
_cell.angle_gamma   90.00
#
_symmetry.space_group_name_H-M   'P 21 21 2'
#
loop_
_entity.id
_entity.type
_entity.pdbx_description
1 polymer 'Acetoacetate decarboxylase'
2 non-polymer '(3E,5E)-6-(4-nitrophenyl)-2-oxohexa-3,5-dienoic acid'
3 non-polymer 'FORMIC ACID'
4 non-polymer 'POTASSIUM ION'
5 water water
#
_entity_poly.entity_id   1
_entity_poly.type   'polypeptide(L)'
_entity_poly.pdbx_seq_one_letter_code
;MKGYTVPLSPRGIANLAPAPPWHYAGTVVGVEFFTDPAAAAATLPEGLTPDPDSAGRGVAMFIDWQYSSTGLEYLDPARS
QYREFLITLDAHCNGAPVAWCPYIYVDNDAAMARGWVQGFPKKLGAVHQTRAYSVGGPGTPVLGPGGQFGATASSAGQRI
AEAKITLEQPVPDPAALMSRPVINLRHFPRLAAGQHDQPAVHELVMSVLDDTAVSDAWVGTADLAFLPAHGEELADLPVR
RTGKGFHFDLAFTVTDLMTLADHSA
;
_entity_poly.pdbx_strand_id   A,B,C,D
#
loop_
_chem_comp.id
_chem_comp.type
_chem_comp.name
_chem_comp.formula
FMT non-polymer 'FORMIC ACID' 'C H2 O2'
J6S non-polymer '(3E,5E)-6-(4-nitrophenyl)-2-oxohexa-3,5-dienoic acid' 'C12 H9 N O5'
K non-polymer 'POTASSIUM ION' 'K 1'
#
# COMPACT_ATOMS: atom_id res chain seq x y z
N MET A 1 0.58 -24.14 22.37
CA MET A 1 0.28 -23.21 21.25
C MET A 1 -1.21 -23.22 20.90
N LYS A 2 -1.76 -22.03 20.73
CA LYS A 2 -3.15 -21.84 20.35
C LYS A 2 -3.22 -21.26 18.94
N GLY A 3 -4.42 -21.31 18.36
CA GLY A 3 -4.68 -20.65 17.09
C GLY A 3 -5.32 -21.56 16.06
N TYR A 4 -5.95 -20.96 15.05
CA TYR A 4 -6.59 -21.71 13.98
C TYR A 4 -5.70 -21.78 12.74
N THR A 5 -5.33 -20.62 12.18
CA THR A 5 -4.31 -20.54 11.15
C THR A 5 -2.98 -20.15 11.78
N VAL A 6 -1.93 -20.19 10.96
CA VAL A 6 -0.62 -19.72 11.41
C VAL A 6 -0.69 -18.19 11.53
N PRO A 7 0.13 -17.56 12.38
CA PRO A 7 1.00 -18.25 13.34
C PRO A 7 0.25 -18.78 14.55
N LEU A 8 0.54 -20.00 14.97
CA LEU A 8 0.11 -20.46 16.27
C LEU A 8 0.94 -19.76 17.35
N SER A 9 0.35 -19.57 18.52
CA SER A 9 0.92 -18.66 19.50
C SER A 9 0.44 -19.06 20.88
N PRO A 10 1.08 -18.54 21.94
CA PRO A 10 0.62 -18.85 23.30
C PRO A 10 -0.80 -18.40 23.59
N ARG A 11 -1.23 -17.25 23.06
CA ARG A 11 -2.53 -16.68 23.39
C ARG A 11 -3.57 -16.85 22.28
N GLY A 12 -3.19 -17.39 21.13
CA GLY A 12 -4.14 -17.58 20.04
C GLY A 12 -4.66 -16.30 19.44
N ILE A 13 -3.89 -15.22 19.51
CA ILE A 13 -4.30 -13.93 18.97
C ILE A 13 -3.57 -13.62 17.66
N ALA A 14 -2.29 -14.00 17.58
CA ALA A 14 -1.47 -13.61 16.44
C ALA A 14 -1.89 -14.29 15.14
N ASN A 15 -2.67 -15.37 15.21
CA ASN A 15 -3.04 -16.10 14.01
C ASN A 15 -3.77 -15.20 13.02
N LEU A 16 -3.50 -15.41 11.73
CA LEU A 16 -4.12 -14.58 10.69
C LEU A 16 -5.64 -14.61 10.79
N ALA A 17 -6.21 -15.79 11.00
CA ALA A 17 -7.64 -15.94 11.15
C ALA A 17 -7.95 -16.86 12.32
N PRO A 18 -8.88 -16.49 13.20
CA PRO A 18 -9.30 -17.40 14.27
C PRO A 18 -10.27 -18.44 13.71
N ALA A 19 -10.65 -19.37 14.56
CA ALA A 19 -11.62 -20.38 14.17
C ALA A 19 -12.95 -19.71 13.80
N PRO A 20 -13.73 -20.31 12.89
CA PRO A 20 -15.08 -19.80 12.64
C PRO A 20 -15.89 -19.77 13.92
N PRO A 21 -17.06 -19.12 13.92
CA PRO A 21 -17.75 -18.51 12.78
C PRO A 21 -17.08 -17.27 12.20
N TRP A 22 -17.17 -17.14 10.88
CA TRP A 22 -16.75 -15.94 10.17
C TRP A 22 -17.99 -15.28 9.58
N HIS A 23 -18.22 -14.02 9.93
CA HIS A 23 -19.39 -13.28 9.49
C HIS A 23 -18.99 -12.27 8.43
N TYR A 24 -19.85 -12.11 7.42
CA TYR A 24 -19.55 -11.26 6.28
C TYR A 24 -20.74 -10.36 5.97
N ALA A 25 -20.46 -9.09 5.72
CA ALA A 25 -21.42 -8.13 5.20
C ALA A 25 -20.75 -7.33 4.10
N GLY A 26 -21.37 -7.27 2.93
CA GLY A 26 -20.72 -6.67 1.78
C GLY A 26 -21.69 -6.03 0.82
N THR A 27 -21.13 -5.23 -0.07
CA THR A 27 -21.86 -4.58 -1.15
C THR A 27 -21.21 -5.00 -2.47
N VAL A 28 -22.01 -5.54 -3.37
CA VAL A 28 -21.51 -6.21 -4.57
C VAL A 28 -21.85 -5.37 -5.80
N VAL A 29 -20.86 -5.13 -6.63
CA VAL A 29 -21.07 -4.73 -8.03
C VAL A 29 -20.75 -5.94 -8.89
N GLY A 30 -21.77 -6.46 -9.57
CA GLY A 30 -21.66 -7.69 -10.33
C GLY A 30 -21.95 -7.47 -11.79
N VAL A 31 -21.29 -8.27 -12.63
CA VAL A 31 -21.47 -8.21 -14.08
C VAL A 31 -21.52 -9.62 -14.64
N GLU A 32 -22.62 -9.97 -15.28
CA GLU A 32 -22.73 -11.19 -16.05
C GLU A 32 -21.97 -11.04 -17.36
N PHE A 33 -21.16 -12.04 -17.71
CA PHE A 33 -20.37 -11.96 -18.93
C PHE A 33 -20.34 -13.31 -19.61
N PHE A 34 -19.92 -13.30 -20.88
CA PHE A 34 -19.87 -14.49 -21.71
C PHE A 34 -18.51 -14.54 -22.40
N THR A 35 -17.79 -15.64 -22.19
CA THR A 35 -16.51 -15.88 -22.84
C THR A 35 -16.64 -17.10 -23.74
N ASP A 36 -15.53 -17.52 -24.32
CA ASP A 36 -15.53 -18.71 -25.16
C ASP A 36 -15.78 -19.94 -24.30
N PRO A 37 -16.75 -20.81 -24.66
CA PRO A 37 -16.96 -22.02 -23.85
C PRO A 37 -15.70 -22.84 -23.63
N ALA A 38 -14.85 -22.97 -24.65
CA ALA A 38 -13.64 -23.76 -24.51
C ALA A 38 -12.65 -23.11 -23.54
N ALA A 39 -12.60 -21.77 -23.51
CA ALA A 39 -11.70 -21.10 -22.58
C ALA A 39 -12.15 -21.32 -21.14
N ALA A 40 -13.46 -21.23 -20.89
CA ALA A 40 -13.98 -21.53 -19.56
C ALA A 40 -13.70 -22.98 -19.18
N ALA A 41 -13.94 -23.91 -20.12
CA ALA A 41 -13.75 -25.32 -19.83
C ALA A 41 -12.29 -25.62 -19.47
N ALA A 42 -11.34 -24.91 -20.08
CA ALA A 42 -9.93 -25.15 -19.81
C ALA A 42 -9.58 -24.91 -18.34
N THR A 43 -10.36 -24.09 -17.63
CA THR A 43 -10.07 -23.80 -16.23
C THR A 43 -10.70 -24.80 -15.27
N LEU A 44 -11.56 -25.69 -15.75
CA LEU A 44 -12.34 -26.52 -14.85
C LEU A 44 -11.48 -27.63 -14.26
N PRO A 45 -11.59 -27.89 -12.95
CA PRO A 45 -10.90 -29.03 -12.37
C PRO A 45 -11.61 -30.33 -12.71
N GLU A 46 -10.93 -31.44 -12.44
CA GLU A 46 -11.56 -32.75 -12.60
C GLU A 46 -12.71 -32.87 -11.60
N GLY A 47 -13.82 -33.42 -12.07
CA GLY A 47 -15.05 -33.48 -11.32
C GLY A 47 -16.10 -32.51 -11.79
N LEU A 48 -15.70 -31.42 -12.44
CA LEU A 48 -16.62 -30.47 -13.05
C LEU A 48 -16.60 -30.64 -14.56
N THR A 49 -17.76 -30.45 -15.17
CA THR A 49 -17.93 -30.55 -16.61
C THR A 49 -18.56 -29.26 -17.11
N PRO A 50 -18.46 -28.99 -18.42
CA PRO A 50 -19.10 -27.79 -18.96
C PRO A 50 -20.60 -27.80 -18.70
N ASP A 51 -21.14 -26.60 -18.49
CA ASP A 51 -22.58 -26.45 -18.33
C ASP A 51 -23.25 -26.71 -19.67
N PRO A 52 -24.18 -27.68 -19.75
CA PRO A 52 -24.79 -27.98 -21.06
C PRO A 52 -25.71 -26.89 -21.58
N ASP A 53 -26.05 -25.89 -20.77
CA ASP A 53 -26.96 -24.82 -21.18
C ASP A 53 -26.28 -23.48 -21.33
N SER A 54 -25.30 -23.16 -20.48
CA SER A 54 -24.73 -21.81 -20.43
C SER A 54 -23.22 -21.84 -20.36
N ALA A 55 -22.57 -22.85 -20.94
CA ALA A 55 -21.12 -22.89 -20.98
C ALA A 55 -20.58 -21.59 -21.56
N GLY A 56 -19.58 -21.03 -20.88
CA GLY A 56 -19.01 -19.76 -21.26
C GLY A 56 -19.54 -18.58 -20.46
N ARG A 57 -20.70 -18.71 -19.82
CA ARG A 57 -21.23 -17.66 -18.98
C ARG A 57 -20.47 -17.61 -17.67
N GLY A 58 -20.25 -16.39 -17.17
CA GLY A 58 -19.62 -16.20 -15.89
C GLY A 58 -20.18 -14.96 -15.22
N VAL A 59 -19.74 -14.73 -13.99
CA VAL A 59 -20.11 -13.54 -13.24
C VAL A 59 -18.84 -12.92 -12.67
N ALA A 60 -18.63 -11.64 -12.94
CA ALA A 60 -17.55 -10.88 -12.33
C ALA A 60 -18.13 -10.06 -11.17
N MET A 61 -17.52 -10.18 -10.00
CA MET A 61 -18.03 -9.52 -8.80
C MET A 61 -16.93 -8.69 -8.16
N PHE A 62 -17.25 -7.44 -7.87
CA PHE A 62 -16.41 -6.54 -7.09
C PHE A 62 -17.15 -6.27 -5.78
N ILE A 63 -16.52 -6.58 -4.65
CA ILE A 63 -17.21 -6.56 -3.36
C ILE A 63 -16.42 -5.76 -2.35
N ASP A 64 -17.10 -4.88 -1.62
CA ASP A 64 -16.56 -4.20 -0.45
C ASP A 64 -17.05 -4.96 0.77
N TRP A 65 -16.14 -5.74 1.38
CA TRP A 65 -16.48 -6.65 2.47
C TRP A 65 -16.16 -6.05 3.83
N GLN A 66 -16.96 -6.44 4.82
CA GLN A 66 -16.64 -6.23 6.22
C GLN A 66 -16.82 -7.56 6.94
N TYR A 67 -15.78 -8.01 7.63
CA TYR A 67 -15.75 -9.30 8.29
C TYR A 67 -15.85 -9.10 9.80
N SER A 68 -16.39 -10.10 10.48
CA SER A 68 -16.35 -10.14 11.93
C SER A 68 -16.45 -11.59 12.38
N SER A 69 -16.14 -11.81 13.66
CA SER A 69 -16.29 -13.12 14.27
C SER A 69 -17.17 -12.99 15.51
N THR A 70 -16.74 -13.56 16.63
CA THR A 70 -17.57 -13.60 17.83
C THR A 70 -17.36 -12.44 18.78
N GLY A 71 -16.45 -11.51 18.45
CA GLY A 71 -16.11 -10.45 19.38
C GLY A 71 -16.07 -9.05 18.79
N LEU A 72 -17.03 -8.73 17.92
CA LEU A 72 -17.14 -7.40 17.34
C LEU A 72 -15.85 -6.98 16.64
N GLU A 73 -15.25 -7.92 15.90
CA GLU A 73 -14.04 -7.62 15.16
C GLU A 73 -14.25 -6.53 14.12
N TYR A 74 -15.49 -6.24 13.72
CA TYR A 74 -15.69 -5.18 12.76
C TYR A 74 -15.41 -3.80 13.35
N LEU A 75 -15.16 -3.71 14.65
CA LEU A 75 -14.69 -2.49 15.27
C LEU A 75 -13.21 -2.23 15.01
N ASP A 76 -12.53 -3.14 14.31
CA ASP A 76 -11.13 -2.99 13.93
C ASP A 76 -11.05 -3.03 12.41
N PRO A 77 -11.57 -2.01 11.73
CA PRO A 77 -11.66 -2.05 10.27
C PRO A 77 -10.31 -2.15 9.57
N ALA A 78 -9.22 -1.73 10.23
CA ALA A 78 -7.90 -1.88 9.63
C ALA A 78 -7.60 -3.34 9.31
N ARG A 79 -8.14 -4.27 10.09
CA ARG A 79 -7.98 -5.70 9.82
C ARG A 79 -9.23 -6.34 9.22
N SER A 80 -10.41 -5.83 9.52
CA SER A 80 -11.64 -6.55 9.21
C SER A 80 -12.26 -6.15 7.87
N GLN A 81 -11.93 -4.99 7.34
CA GLN A 81 -12.47 -4.57 6.05
C GLN A 81 -11.51 -4.93 4.92
N TYR A 82 -12.08 -5.43 3.82
CA TYR A 82 -11.27 -5.75 2.65
C TYR A 82 -12.14 -5.66 1.42
N ARG A 83 -11.48 -5.55 0.27
CA ARG A 83 -12.15 -5.43 -1.02
C ARG A 83 -11.70 -6.58 -1.90
N GLU A 84 -12.63 -7.08 -2.71
CA GLU A 84 -12.49 -8.38 -3.33
C GLU A 84 -12.99 -8.34 -4.76
N PHE A 85 -12.23 -8.97 -5.65
CA PHE A 85 -12.65 -9.18 -7.03
C PHE A 85 -12.52 -10.66 -7.35
N LEU A 86 -13.58 -11.24 -7.92
CA LEU A 86 -13.55 -12.64 -8.30
C LEU A 86 -14.40 -12.84 -9.54
N ILE A 87 -14.18 -13.96 -10.21
CA ILE A 87 -15.08 -14.42 -11.26
C ILE A 87 -15.52 -15.84 -10.92
N THR A 88 -16.74 -16.16 -11.33
CA THR A 88 -17.21 -17.53 -11.34
C THR A 88 -17.59 -17.89 -12.76
N LEU A 89 -17.53 -19.18 -13.07
CA LEU A 89 -17.86 -19.69 -14.40
C LEU A 89 -18.91 -20.76 -14.25
N ASP A 90 -19.97 -20.66 -15.05
CA ASP A 90 -21.00 -21.70 -15.05
C ASP A 90 -20.37 -23.04 -15.39
N ALA A 91 -20.77 -24.07 -14.65
CA ALA A 91 -20.31 -25.42 -14.88
C ALA A 91 -21.35 -26.38 -14.33
N HIS A 92 -21.08 -27.67 -14.47
CA HIS A 92 -21.94 -28.70 -13.90
C HIS A 92 -21.11 -29.65 -13.06
N CYS A 93 -21.72 -30.12 -11.98
CA CYS A 93 -21.16 -31.18 -11.15
C CYS A 93 -22.21 -32.26 -11.03
N ASN A 94 -21.92 -33.43 -11.61
CA ASN A 94 -22.85 -34.57 -11.59
C ASN A 94 -24.26 -34.14 -11.97
N GLY A 95 -24.36 -33.35 -13.04
CA GLY A 95 -25.64 -32.92 -13.57
C GLY A 95 -26.27 -31.74 -12.86
N ALA A 96 -25.60 -31.14 -11.87
CA ALA A 96 -26.14 -30.01 -11.14
C ALA A 96 -25.44 -28.72 -11.55
N PRO A 97 -26.17 -27.62 -11.72
CA PRO A 97 -25.51 -26.35 -12.05
C PRO A 97 -24.75 -25.79 -10.86
N VAL A 98 -23.49 -25.43 -11.09
CA VAL A 98 -22.61 -24.90 -10.06
C VAL A 98 -21.85 -23.71 -10.63
N ALA A 99 -21.09 -23.04 -9.76
CA ALA A 99 -20.29 -21.88 -10.14
C ALA A 99 -18.85 -22.13 -9.68
N TRP A 100 -17.95 -22.31 -10.64
CA TRP A 100 -16.55 -22.56 -10.37
C TRP A 100 -15.78 -21.25 -10.28
N CYS A 101 -14.95 -21.12 -9.25
CA CYS A 101 -14.16 -19.91 -9.04
C CYS A 101 -12.70 -20.17 -9.40
N PRO A 102 -12.23 -19.70 -10.56
CA PRO A 102 -10.82 -19.93 -10.92
C PRO A 102 -9.86 -18.89 -10.37
N TYR A 103 -10.32 -17.64 -10.23
CA TYR A 103 -9.45 -16.54 -9.84
C TYR A 103 -10.18 -15.62 -8.88
N ILE A 104 -9.44 -15.05 -7.93
CA ILE A 104 -10.01 -14.14 -6.94
C ILE A 104 -8.87 -13.36 -6.30
N TYR A 105 -9.13 -12.08 -6.01
CA TYR A 105 -8.13 -11.15 -5.51
C TYR A 105 -8.71 -10.36 -4.34
N VAL A 106 -7.88 -10.15 -3.31
CA VAL A 106 -8.26 -9.37 -2.14
C VAL A 106 -7.08 -8.49 -1.72
N ASP A 107 -7.38 -7.49 -0.90
CA ASP A 107 -6.36 -6.54 -0.45
C ASP A 107 -6.07 -6.68 1.05
N ASN A 108 -6.19 -7.88 1.59
CA ASN A 108 -6.07 -8.12 3.02
C ASN A 108 -5.50 -9.51 3.25
N ASP A 109 -4.49 -9.62 4.12
CA ASP A 109 -3.83 -10.91 4.30
C ASP A 109 -4.71 -11.90 5.06
N ALA A 110 -5.48 -11.41 6.04
CA ALA A 110 -6.40 -12.31 6.75
C ALA A 110 -7.43 -12.88 5.79
N ALA A 111 -7.94 -12.06 4.88
CA ALA A 111 -8.91 -12.55 3.89
C ALA A 111 -8.27 -13.60 2.99
N MET A 112 -7.01 -13.40 2.60
CA MET A 112 -6.33 -14.37 1.76
C MET A 112 -6.21 -15.72 2.47
N ALA A 113 -5.86 -15.70 3.76
CA ALA A 113 -5.73 -16.94 4.51
C ALA A 113 -7.09 -17.64 4.65
N ARG A 114 -8.13 -16.88 5.01
CA ARG A 114 -9.46 -17.47 5.09
C ARG A 114 -9.86 -18.10 3.76
N GLY A 115 -9.52 -17.44 2.65
CA GLY A 115 -9.86 -17.97 1.34
C GLY A 115 -9.17 -19.28 1.06
N TRP A 116 -7.86 -19.35 1.32
N TRP A 116 -7.86 -19.35 1.32
CA TRP A 116 -7.13 -20.59 1.10
CA TRP A 116 -7.12 -20.58 1.10
C TRP A 116 -7.75 -21.74 1.87
C TRP A 116 -7.75 -21.74 1.87
N VAL A 117 -8.15 -21.49 3.13
CA VAL A 117 -8.80 -22.53 3.92
C VAL A 117 -10.08 -22.99 3.25
N GLN A 118 -10.81 -22.06 2.63
CA GLN A 118 -12.04 -22.38 1.93
C GLN A 118 -11.80 -22.96 0.53
N GLY A 119 -10.59 -22.84 0.00
CA GLY A 119 -10.33 -23.21 -1.37
C GLY A 119 -10.48 -22.08 -2.37
N PHE A 120 -10.79 -20.88 -1.91
CA PHE A 120 -10.74 -19.70 -2.77
C PHE A 120 -9.27 -19.41 -3.09
N PRO A 121 -8.86 -19.42 -4.36
CA PRO A 121 -7.43 -19.25 -4.68
C PRO A 121 -7.00 -17.78 -4.65
N LYS A 122 -7.06 -17.18 -3.46
CA LYS A 122 -6.89 -15.74 -3.33
C LYS A 122 -5.43 -15.31 -3.52
N LYS A 123 -5.26 -14.25 -4.29
CA LYS A 123 -4.01 -13.50 -4.38
C LYS A 123 -4.27 -12.06 -3.97
N LEU A 124 -3.19 -11.32 -3.75
CA LEU A 124 -3.32 -9.90 -3.41
C LEU A 124 -3.65 -9.09 -4.66
N GLY A 125 -4.55 -8.12 -4.49
CA GLY A 125 -4.87 -7.18 -5.55
C GLY A 125 -5.41 -5.90 -4.96
N ALA A 126 -5.55 -4.90 -5.83
CA ALA A 126 -6.19 -3.64 -5.48
C ALA A 126 -7.53 -3.57 -6.18
N VAL A 127 -8.61 -3.46 -5.40
CA VAL A 127 -9.97 -3.52 -5.90
C VAL A 127 -10.74 -2.30 -5.41
N HIS A 128 -11.53 -1.70 -6.30
CA HIS A 128 -12.31 -0.50 -5.98
C HIS A 128 -13.66 -0.57 -6.67
N GLN A 129 -14.68 0.02 -6.03
CA GLN A 129 -15.99 0.17 -6.63
C GLN A 129 -16.59 1.51 -6.20
N THR A 130 -17.30 2.15 -7.13
CA THR A 130 -18.09 3.33 -6.79
C THR A 130 -19.03 3.03 -5.63
N ARG A 131 -19.22 4.02 -4.76
CA ARG A 131 -20.06 3.89 -3.58
C ARG A 131 -21.22 4.87 -3.66
N ALA A 132 -22.38 4.46 -3.16
CA ALA A 132 -23.57 5.29 -3.12
C ALA A 132 -23.75 5.85 -1.71
N TYR A 133 -23.91 7.16 -1.61
CA TYR A 133 -24.07 7.84 -0.32
C TYR A 133 -25.51 8.35 -0.19
N SER A 134 -26.10 8.11 0.98
N SER A 134 -26.10 8.11 0.98
CA SER A 134 -27.49 8.51 1.20
CA SER A 134 -27.48 8.50 1.22
C SER A 134 -27.68 10.02 1.13
C SER A 134 -27.68 10.01 1.13
N VAL A 135 -26.65 10.79 1.47
CA VAL A 135 -26.79 12.24 1.46
C VAL A 135 -27.05 12.76 0.05
N GLY A 136 -26.59 12.03 -0.96
CA GLY A 136 -26.79 12.45 -2.34
C GLY A 136 -25.87 13.61 -2.72
N GLY A 137 -26.11 14.12 -3.93
CA GLY A 137 -25.32 15.22 -4.47
C GLY A 137 -24.42 14.78 -5.60
N PRO A 138 -23.63 15.71 -6.13
CA PRO A 138 -22.80 15.39 -7.31
C PRO A 138 -21.60 14.50 -7.02
N GLY A 139 -21.32 14.18 -5.77
CA GLY A 139 -20.22 13.29 -5.45
C GLY A 139 -20.58 11.82 -5.40
N THR A 140 -21.82 11.46 -5.71
CA THR A 140 -22.28 10.09 -5.56
C THR A 140 -23.36 9.79 -6.59
N PRO A 141 -23.43 8.56 -7.08
CA PRO A 141 -24.60 8.16 -7.86
C PRO A 141 -25.80 7.93 -6.94
N VAL A 142 -26.96 7.77 -7.55
CA VAL A 142 -28.16 7.36 -6.85
C VAL A 142 -28.23 5.85 -6.84
N LEU A 143 -28.58 5.27 -5.70
CA LEU A 143 -28.85 3.84 -5.62
C LEU A 143 -30.28 3.63 -6.11
N GLY A 144 -30.43 3.67 -7.44
CA GLY A 144 -31.72 3.60 -8.08
C GLY A 144 -31.58 3.74 -9.57
N PRO A 145 -32.71 3.94 -10.26
CA PRO A 145 -32.65 4.05 -11.73
C PRO A 145 -31.71 5.15 -12.19
N GLY A 146 -30.83 4.81 -13.14
CA GLY A 146 -29.89 5.75 -13.69
C GLY A 146 -28.56 5.82 -12.97
N GLY A 147 -28.46 5.24 -11.77
CA GLY A 147 -27.21 5.25 -11.03
C GLY A 147 -26.11 4.47 -11.75
N GLN A 148 -24.95 5.11 -11.91
CA GLN A 148 -23.82 4.50 -12.58
C GLN A 148 -22.72 4.20 -11.57
N PHE A 149 -22.12 3.01 -11.70
CA PHE A 149 -21.10 2.54 -10.77
C PHE A 149 -19.94 1.97 -11.56
N GLY A 150 -18.73 2.41 -11.22
CA GLY A 150 -17.53 1.84 -11.81
C GLY A 150 -16.81 0.93 -10.84
N ALA A 151 -16.01 0.01 -11.37
CA ALA A 151 -15.25 -0.90 -10.53
C ALA A 151 -14.01 -1.35 -11.29
N THR A 152 -12.91 -1.53 -10.56
CA THR A 152 -11.65 -1.92 -11.16
C THR A 152 -10.92 -2.89 -10.24
N ALA A 153 -10.01 -3.66 -10.84
CA ALA A 153 -9.14 -4.57 -10.09
C ALA A 153 -7.77 -4.57 -10.73
N SER A 154 -6.74 -4.52 -9.89
CA SER A 154 -5.35 -4.61 -10.33
C SER A 154 -4.64 -5.69 -9.53
N SER A 155 -3.57 -6.22 -10.11
CA SER A 155 -2.70 -7.19 -9.43
C SER A 155 -1.26 -6.87 -9.76
N ALA A 156 -0.44 -6.72 -8.73
CA ALA A 156 0.97 -6.34 -8.88
C ALA A 156 1.12 -5.10 -9.76
N GLY A 157 0.25 -4.11 -9.53
CA GLY A 157 0.35 -2.85 -10.24
C GLY A 157 -0.11 -2.90 -11.67
N GLN A 158 -0.84 -3.95 -12.05
CA GLN A 158 -1.35 -4.12 -13.41
C GLN A 158 -2.87 -4.22 -13.34
N ARG A 159 -3.55 -3.40 -14.14
CA ARG A 159 -5.00 -3.45 -14.21
C ARG A 159 -5.44 -4.71 -14.95
N ILE A 160 -6.32 -5.49 -14.33
CA ILE A 160 -6.78 -6.74 -14.93
C ILE A 160 -8.27 -6.73 -15.24
N ALA A 161 -9.07 -5.83 -14.65
CA ALA A 161 -10.50 -5.76 -14.95
C ALA A 161 -11.01 -4.36 -14.72
N GLU A 162 -11.85 -3.88 -15.64
CA GLU A 162 -12.55 -2.61 -15.50
C GLU A 162 -14.01 -2.82 -15.90
N ALA A 163 -14.93 -2.25 -15.10
CA ALA A 163 -16.34 -2.49 -15.30
C ALA A 163 -17.13 -1.22 -14.99
N LYS A 164 -18.31 -1.13 -15.61
CA LYS A 164 -19.29 -0.10 -15.26
C LYS A 164 -20.68 -0.67 -15.45
N ILE A 165 -21.60 -0.28 -14.56
CA ILE A 165 -22.99 -0.69 -14.65
C ILE A 165 -23.88 0.54 -14.53
N THR A 166 -25.08 0.44 -15.12
CA THR A 166 -26.11 1.46 -15.02
C THR A 166 -27.39 0.77 -14.55
N LEU A 167 -27.87 1.15 -13.38
CA LEU A 167 -29.03 0.50 -12.79
C LEU A 167 -30.30 0.92 -13.49
N GLU A 168 -31.27 0.00 -13.53
CA GLU A 168 -32.54 0.26 -14.18
C GLU A 168 -33.74 -0.03 -13.30
N GLN A 169 -33.76 -1.14 -12.57
CA GLN A 169 -34.94 -1.53 -11.82
C GLN A 169 -34.51 -2.49 -10.70
N PRO A 170 -35.35 -2.66 -9.69
CA PRO A 170 -35.04 -3.65 -8.64
C PRO A 170 -35.03 -5.06 -9.20
N VAL A 171 -34.20 -5.91 -8.61
CA VAL A 171 -34.18 -7.32 -8.98
C VAL A 171 -35.53 -7.95 -8.62
N PRO A 172 -36.21 -8.63 -9.55
CA PRO A 172 -37.50 -9.22 -9.19
C PRO A 172 -37.42 -10.23 -8.05
N ASP A 173 -36.39 -11.09 -8.05
CA ASP A 173 -36.25 -12.17 -7.07
C ASP A 173 -34.84 -12.13 -6.50
N PRO A 174 -34.60 -11.30 -5.48
CA PRO A 174 -33.23 -11.16 -4.97
C PRO A 174 -32.59 -12.46 -4.52
N ALA A 175 -33.35 -13.34 -3.85
CA ALA A 175 -32.78 -14.58 -3.35
C ALA A 175 -32.24 -15.47 -4.47
N ALA A 176 -32.71 -15.28 -5.70
CA ALA A 176 -32.27 -16.10 -6.81
C ALA A 176 -30.84 -15.78 -7.25
N LEU A 177 -30.32 -14.62 -6.87
CA LEU A 177 -28.96 -14.25 -7.28
C LEU A 177 -27.93 -15.24 -6.76
N MET A 178 -28.22 -15.91 -5.64
CA MET A 178 -27.28 -16.84 -5.03
C MET A 178 -27.76 -18.28 -5.21
N SER A 179 -28.18 -18.64 -6.43
CA SER A 179 -28.76 -19.95 -6.65
C SER A 179 -27.71 -21.02 -6.90
N ARG A 180 -26.66 -20.68 -7.66
CA ARG A 180 -25.62 -21.66 -7.96
C ARG A 180 -24.63 -21.76 -6.81
N PRO A 181 -24.42 -22.94 -6.24
CA PRO A 181 -23.37 -23.07 -5.23
C PRO A 181 -21.98 -22.92 -5.85
N VAL A 182 -21.08 -22.34 -5.07
CA VAL A 182 -19.71 -22.09 -5.53
C VAL A 182 -18.86 -23.33 -5.27
N ILE A 183 -18.07 -23.72 -6.26
CA ILE A 183 -17.14 -24.84 -6.16
C ILE A 183 -15.74 -24.28 -6.13
N ASN A 184 -14.93 -24.77 -5.18
CA ASN A 184 -13.55 -24.34 -5.03
C ASN A 184 -12.66 -25.57 -4.93
N LEU A 185 -11.35 -25.32 -4.79
CA LEU A 185 -10.36 -26.38 -4.72
C LEU A 185 -9.38 -26.06 -3.59
N ARG A 186 -9.51 -26.78 -2.48
CA ARG A 186 -8.49 -26.70 -1.43
C ARG A 186 -7.22 -27.36 -1.93
N HIS A 187 -6.10 -26.65 -1.79
CA HIS A 187 -4.84 -27.09 -2.38
C HIS A 187 -3.68 -26.57 -1.56
N PHE A 188 -2.81 -27.48 -1.14
CA PHE A 188 -1.64 -27.13 -0.34
C PHE A 188 -0.49 -28.06 -0.74
N PRO A 189 0.55 -27.57 -1.41
CA PRO A 189 1.55 -28.47 -1.98
C PRO A 189 2.55 -28.97 -0.94
N ARG A 190 3.34 -29.94 -1.36
CA ARG A 190 4.48 -30.45 -0.60
C ARG A 190 5.77 -29.87 -1.15
N LEU A 191 6.73 -29.65 -0.27
CA LEU A 191 8.04 -29.14 -0.65
C LEU A 191 9.14 -30.19 -0.56
N ALA A 192 8.87 -31.33 0.08
CA ALA A 192 9.86 -32.40 0.17
C ALA A 192 10.30 -32.83 -1.22
N ALA A 193 11.61 -33.00 -1.39
CA ALA A 193 12.15 -33.40 -2.68
C ALA A 193 11.45 -34.66 -3.18
N GLY A 194 11.13 -34.67 -4.47
CA GLY A 194 10.43 -35.77 -5.09
C GLY A 194 8.92 -35.71 -5.00
N GLN A 195 8.37 -34.78 -4.22
CA GLN A 195 6.92 -34.70 -3.99
C GLN A 195 6.34 -33.35 -4.38
N HIS A 196 7.03 -32.59 -5.24
CA HIS A 196 6.49 -31.30 -5.65
C HIS A 196 5.26 -31.43 -6.54
N ASP A 197 4.97 -32.63 -7.03
CA ASP A 197 3.76 -32.89 -7.81
C ASP A 197 2.73 -33.70 -7.03
N GLN A 198 2.94 -33.88 -5.73
CA GLN A 198 2.06 -34.67 -4.87
C GLN A 198 1.59 -33.79 -3.72
N PRO A 199 0.60 -32.92 -3.95
CA PRO A 199 0.16 -32.00 -2.90
C PRO A 199 -0.37 -32.75 -1.68
N ALA A 200 -0.17 -32.15 -0.51
CA ALA A 200 -0.67 -32.74 0.73
C ALA A 200 -2.18 -32.59 0.82
N VAL A 201 -2.71 -31.45 0.35
CA VAL A 201 -4.14 -31.19 0.28
C VAL A 201 -4.49 -30.90 -1.17
N HIS A 202 -5.52 -31.57 -1.68
CA HIS A 202 -5.93 -31.37 -3.08
C HIS A 202 -7.34 -31.98 -3.19
N GLU A 203 -8.36 -31.15 -2.95
CA GLU A 203 -9.71 -31.66 -2.84
C GLU A 203 -10.71 -30.63 -3.37
N LEU A 204 -11.64 -31.10 -4.18
CA LEU A 204 -12.75 -30.28 -4.63
C LEU A 204 -13.74 -30.09 -3.49
N VAL A 205 -14.18 -28.85 -3.30
CA VAL A 205 -15.05 -28.50 -2.20
C VAL A 205 -16.20 -27.64 -2.71
N MET A 206 -17.32 -27.70 -1.98
CA MET A 206 -18.47 -26.83 -2.24
C MET A 206 -18.60 -25.84 -1.09
N SER A 207 -18.72 -24.56 -1.43
CA SER A 207 -18.89 -23.54 -0.42
C SER A 207 -20.20 -23.71 0.32
N VAL A 208 -20.15 -23.59 1.64
CA VAL A 208 -21.33 -23.64 2.50
C VAL A 208 -21.49 -22.27 3.14
N LEU A 209 -22.59 -21.59 2.84
CA LEU A 209 -22.87 -20.26 3.36
C LEU A 209 -24.10 -20.33 4.26
N ASP A 210 -23.94 -19.94 5.53
CA ASP A 210 -25.03 -19.93 6.49
C ASP A 210 -25.78 -18.60 6.44
N ASP A 211 -27.11 -18.68 6.50
CA ASP A 211 -27.96 -17.50 6.71
C ASP A 211 -27.77 -16.46 5.62
N THR A 212 -27.59 -16.91 4.38
CA THR A 212 -27.37 -16.00 3.28
C THR A 212 -28.53 -15.02 3.15
N ALA A 213 -28.21 -13.74 2.96
CA ALA A 213 -29.21 -12.69 2.82
C ALA A 213 -28.78 -11.72 1.73
N VAL A 214 -29.75 -11.24 0.96
CA VAL A 214 -29.55 -10.24 -0.07
C VAL A 214 -30.54 -9.11 0.17
N SER A 215 -30.11 -7.87 -0.07
CA SER A 215 -31.00 -6.73 0.08
C SER A 215 -30.59 -5.64 -0.89
N ASP A 216 -31.51 -4.70 -1.12
CA ASP A 216 -31.25 -3.52 -1.94
C ASP A 216 -30.71 -3.92 -3.32
N ALA A 217 -31.32 -4.94 -3.90
CA ALA A 217 -30.82 -5.54 -5.14
C ALA A 217 -31.37 -4.80 -6.35
N TRP A 218 -30.47 -4.37 -7.23
CA TRP A 218 -30.82 -3.67 -8.47
C TRP A 218 -30.15 -4.35 -9.65
N VAL A 219 -30.75 -4.18 -10.82
CA VAL A 219 -30.24 -4.75 -12.06
C VAL A 219 -30.29 -3.70 -13.15
N GLY A 220 -29.38 -3.82 -14.11
CA GLY A 220 -29.31 -2.90 -15.23
C GLY A 220 -28.36 -3.36 -16.31
N THR A 221 -27.74 -2.41 -17.01
CA THR A 221 -26.79 -2.72 -18.07
C THR A 221 -25.37 -2.73 -17.53
N ALA A 222 -24.44 -3.23 -18.34
CA ALA A 222 -23.08 -3.41 -17.87
C ALA A 222 -22.09 -3.40 -19.03
N ASP A 223 -20.88 -2.92 -18.75
CA ASP A 223 -19.71 -3.04 -19.61
C ASP A 223 -18.59 -3.66 -18.80
N LEU A 224 -17.81 -4.54 -19.43
CA LEU A 224 -16.76 -5.25 -18.71
C LEU A 224 -15.63 -5.59 -19.68
N ALA A 225 -14.39 -5.48 -19.18
CA ALA A 225 -13.22 -5.87 -19.94
C ALA A 225 -12.19 -6.47 -19.00
N PHE A 226 -11.60 -7.59 -19.42
CA PHE A 226 -10.43 -8.15 -18.76
C PHE A 226 -9.19 -7.75 -19.54
N LEU A 227 -8.14 -7.35 -18.83
CA LEU A 227 -6.94 -6.86 -19.49
C LEU A 227 -5.76 -7.82 -19.28
N PRO A 228 -4.98 -8.11 -20.32
CA PRO A 228 -3.81 -8.97 -20.13
C PRO A 228 -2.81 -8.35 -19.17
N ALA A 229 -2.20 -9.20 -18.35
CA ALA A 229 -1.21 -8.76 -17.37
C ALA A 229 -0.20 -9.87 -17.17
N HIS A 230 1.05 -9.49 -16.95
CA HIS A 230 2.09 -10.47 -16.65
C HIS A 230 1.75 -11.21 -15.37
N GLY A 231 1.93 -12.54 -15.39
CA GLY A 231 1.66 -13.35 -14.22
C GLY A 231 0.21 -13.61 -13.93
N GLU A 232 -0.70 -13.27 -14.85
CA GLU A 232 -2.13 -13.50 -14.68
C GLU A 232 -2.67 -14.17 -15.94
N GLU A 233 -3.82 -14.83 -15.78
CA GLU A 233 -4.48 -15.50 -16.90
C GLU A 233 -5.95 -15.13 -17.03
N LEU A 234 -6.41 -14.11 -16.29
CA LEU A 234 -7.81 -13.70 -16.36
C LEU A 234 -8.21 -13.33 -17.78
N ALA A 235 -7.37 -12.55 -18.47
CA ALA A 235 -7.70 -12.10 -19.81
C ALA A 235 -7.73 -13.25 -20.83
N ASP A 236 -7.26 -14.44 -20.45
CA ASP A 236 -7.47 -15.62 -21.29
C ASP A 236 -8.92 -16.08 -21.29
N LEU A 237 -9.79 -15.38 -20.56
CA LEU A 237 -11.23 -15.56 -20.60
C LEU A 237 -11.86 -14.33 -21.22
N PRO A 238 -11.61 -14.07 -22.51
CA PRO A 238 -12.01 -12.77 -23.08
C PRO A 238 -13.51 -12.55 -22.99
N VAL A 239 -13.90 -11.30 -22.81
CA VAL A 239 -15.30 -10.91 -22.69
C VAL A 239 -15.83 -10.74 -24.11
N ARG A 240 -16.54 -11.75 -24.61
CA ARG A 240 -17.16 -11.64 -25.93
C ARG A 240 -18.44 -10.83 -25.87
N ARG A 241 -19.18 -10.93 -24.76
CA ARG A 241 -20.40 -10.17 -24.56
C ARG A 241 -20.63 -10.00 -23.06
N THR A 242 -21.21 -8.88 -22.69
CA THR A 242 -21.62 -8.64 -21.31
C THR A 242 -23.13 -8.79 -21.20
N GLY A 243 -23.58 -9.38 -20.11
CA GLY A 243 -25.00 -9.48 -19.83
C GLY A 243 -25.45 -8.34 -18.95
N LYS A 244 -26.20 -8.65 -17.89
CA LYS A 244 -26.74 -7.64 -17.01
C LYS A 244 -25.74 -7.27 -15.92
N GLY A 245 -25.88 -6.05 -15.41
CA GLY A 245 -25.12 -5.61 -14.26
C GLY A 245 -26.01 -5.60 -13.02
N PHE A 246 -25.38 -5.80 -11.87
CA PHE A 246 -26.12 -5.97 -10.62
C PHE A 246 -25.45 -5.17 -9.52
N HIS A 247 -26.27 -4.71 -8.57
CA HIS A 247 -25.81 -4.03 -7.38
C HIS A 247 -26.68 -4.48 -6.22
N PHE A 248 -26.05 -5.01 -5.16
CA PHE A 248 -26.81 -5.53 -4.03
C PHE A 248 -25.89 -5.72 -2.84
N ASP A 249 -26.51 -5.70 -1.66
CA ASP A 249 -25.84 -6.10 -0.43
C ASP A 249 -25.95 -7.60 -0.24
N LEU A 250 -24.92 -8.19 0.37
CA LEU A 250 -24.84 -9.62 0.58
C LEU A 250 -24.28 -9.91 1.96
N ALA A 251 -24.88 -10.86 2.66
CA ALA A 251 -24.42 -11.25 3.98
C ALA A 251 -24.55 -12.76 4.16
N PHE A 252 -23.57 -13.35 4.85
CA PHE A 252 -23.63 -14.76 5.18
C PHE A 252 -22.61 -15.04 6.29
N THR A 253 -22.66 -16.27 6.80
CA THR A 253 -21.72 -16.74 7.81
C THR A 253 -21.09 -18.04 7.32
N VAL A 254 -19.80 -18.21 7.62
CA VAL A 254 -19.07 -19.42 7.26
C VAL A 254 -18.73 -20.17 8.55
N THR A 255 -19.17 -21.42 8.63
CA THR A 255 -18.83 -22.31 9.73
C THR A 255 -18.45 -23.70 9.26
N ASP A 256 -18.56 -24.00 7.97
CA ASP A 256 -18.51 -25.35 7.47
C ASP A 256 -17.98 -25.33 6.04
N LEU A 257 -17.67 -26.52 5.53
CA LEU A 257 -17.21 -26.69 4.15
C LEU A 257 -17.43 -28.14 3.77
N MET A 258 -17.88 -28.36 2.54
CA MET A 258 -18.24 -29.70 2.08
C MET A 258 -17.17 -30.23 1.13
N THR A 259 -16.47 -31.28 1.56
CA THR A 259 -15.48 -31.93 0.72
C THR A 259 -16.17 -32.86 -0.27
N LEU A 260 -15.94 -32.63 -1.56
CA LEU A 260 -16.59 -33.42 -2.60
C LEU A 260 -15.73 -34.60 -3.06
N ALA A 261 -14.44 -34.36 -3.27
CA ALA A 261 -13.54 -35.40 -3.77
C ALA A 261 -12.13 -35.09 -3.31
N ASP A 262 -11.48 -36.08 -2.70
CA ASP A 262 -10.10 -35.96 -2.25
C ASP A 262 -9.19 -36.52 -3.35
N HIS A 263 -8.51 -35.64 -4.07
CA HIS A 263 -7.65 -36.02 -5.16
C HIS A 263 -6.18 -36.14 -4.74
N SER A 264 -5.91 -36.15 -3.44
CA SER A 264 -4.53 -36.23 -2.95
C SER A 264 -4.07 -37.69 -2.92
N MET B 1 4.35 27.33 15.21
CA MET B 1 4.32 27.44 13.72
C MET B 1 5.72 27.28 13.15
N LYS B 2 6.45 26.30 13.67
CA LYS B 2 7.76 25.94 13.13
C LYS B 2 7.59 24.91 12.03
N GLY B 3 8.64 24.76 11.22
CA GLY B 3 8.66 23.81 10.13
C GLY B 3 8.99 24.48 8.81
N TYR B 4 9.27 23.63 7.82
CA TYR B 4 9.58 24.08 6.47
C TYR B 4 8.41 23.89 5.52
N THR B 5 7.98 22.65 5.30
CA THR B 5 6.73 22.38 4.62
C THR B 5 5.61 22.18 5.65
N VAL B 6 4.38 22.10 5.15
CA VAL B 6 3.24 21.76 6.01
C VAL B 6 3.39 20.31 6.45
N PRO B 7 2.80 19.91 7.59
CA PRO B 7 2.18 20.82 8.54
C PRO B 7 3.21 21.57 9.38
N LEU B 8 3.00 22.88 9.54
CA LEU B 8 3.72 23.62 10.56
C LEU B 8 3.18 23.24 11.93
N SER B 9 4.03 23.33 12.95
CA SER B 9 3.72 22.70 14.23
C SER B 9 4.52 23.40 15.33
N PRO B 10 4.19 23.12 16.59
CA PRO B 10 4.98 23.70 17.70
C PRO B 10 6.44 23.29 17.71
N ARG B 11 6.76 22.05 17.30
CA ARG B 11 8.12 21.55 17.38
C ARG B 11 8.86 21.50 16.05
N GLY B 12 8.18 21.74 14.93
CA GLY B 12 8.83 21.63 13.64
C GLY B 12 9.23 20.21 13.28
N ILE B 13 8.54 19.22 13.82
CA ILE B 13 8.81 17.81 13.53
C ILE B 13 7.82 17.25 12.52
N ALA B 14 6.54 17.60 12.67
CA ALA B 14 5.48 16.96 11.88
C ALA B 14 5.57 17.30 10.40
N ASN B 15 6.30 18.34 10.01
CA ASN B 15 6.33 18.74 8.62
C ASN B 15 6.81 17.60 7.73
N LEU B 16 6.22 17.52 6.52
CA LEU B 16 6.59 16.45 5.60
C LEU B 16 8.08 16.47 5.29
N ALA B 17 8.65 17.66 5.12
CA ALA B 17 10.07 17.80 4.88
C ALA B 17 10.59 18.97 5.70
N PRO B 18 11.73 18.82 6.37
CA PRO B 18 12.37 19.96 7.04
C PRO B 18 13.15 20.78 6.03
N ALA B 19 13.74 21.87 6.51
CA ALA B 19 14.54 22.70 5.64
C ALA B 19 15.75 21.91 5.12
N PRO B 20 16.29 22.28 3.96
CA PRO B 20 17.55 21.67 3.51
C PRO B 20 18.64 21.89 4.55
N PRO B 21 19.79 21.23 4.41
CA PRO B 21 20.19 20.37 3.29
C PRO B 21 19.44 19.03 3.19
N TRP B 22 19.17 18.63 1.95
CA TRP B 22 18.62 17.31 1.66
C TRP B 22 19.71 16.49 0.96
N HIS B 23 20.02 15.33 1.51
CA HIS B 23 21.07 14.47 0.98
C HIS B 23 20.44 13.26 0.30
N TYR B 24 21.05 12.82 -0.81
CA TYR B 24 20.50 11.73 -1.60
C TYR B 24 21.61 10.75 -1.98
N ALA B 25 21.28 9.46 -1.90
CA ALA B 25 22.11 8.39 -2.44
C ALA B 25 21.19 7.40 -3.12
N GLY B 26 21.49 7.06 -4.38
CA GLY B 26 20.59 6.23 -5.15
C GLY B 26 21.30 5.36 -6.16
N THR B 27 20.57 4.35 -6.64
CA THR B 27 20.99 3.49 -7.73
C THR B 27 20.02 3.66 -8.88
N VAL B 28 20.55 3.90 -10.08
CA VAL B 28 19.76 4.31 -11.23
C VAL B 28 19.78 3.19 -12.28
N VAL B 29 18.59 2.83 -12.75
CA VAL B 29 18.41 2.06 -13.98
C VAL B 29 17.74 2.97 -14.98
N GLY B 30 18.41 3.24 -16.10
CA GLY B 30 17.93 4.25 -17.02
C GLY B 30 18.01 3.80 -18.46
N VAL B 31 17.19 4.44 -19.29
CA VAL B 31 17.08 4.13 -20.71
C VAL B 31 17.01 5.44 -21.48
N GLU B 32 17.93 5.61 -22.43
CA GLU B 32 17.81 6.66 -23.42
C GLU B 32 16.79 6.24 -24.46
N PHE B 33 15.87 7.14 -24.81
CA PHE B 33 14.81 6.82 -25.76
C PHE B 33 14.58 8.01 -26.69
N PHE B 34 13.83 7.75 -27.74
CA PHE B 34 13.51 8.74 -28.75
C PHE B 34 12.02 8.67 -29.07
N THR B 35 11.33 9.79 -28.94
CA THR B 35 9.91 9.90 -29.24
C THR B 35 9.73 10.92 -30.37
N ASP B 36 8.47 11.24 -30.65
CA ASP B 36 8.19 12.20 -31.72
C ASP B 36 8.61 13.60 -31.27
N PRO B 37 9.39 14.32 -32.07
CA PRO B 37 9.75 15.69 -31.68
C PRO B 37 8.55 16.57 -31.34
N ALA B 38 7.49 16.51 -32.14
CA ALA B 38 6.32 17.35 -31.87
C ALA B 38 5.66 16.98 -30.55
N ALA B 39 5.67 15.69 -30.19
CA ALA B 39 5.12 15.28 -28.90
C ALA B 39 5.93 15.86 -27.76
N ALA B 40 7.26 15.73 -27.83
CA ALA B 40 8.12 16.33 -26.81
C ALA B 40 7.90 17.84 -26.73
N ALA B 41 7.83 18.50 -27.87
CA ALA B 41 7.63 19.96 -27.87
C ALA B 41 6.31 20.34 -27.22
N ALA B 42 5.27 19.51 -27.37
CA ALA B 42 3.99 19.83 -26.78
C ALA B 42 4.05 19.92 -25.26
N THR B 43 5.00 19.21 -24.63
CA THR B 43 5.11 19.24 -23.18
C THR B 43 5.91 20.43 -22.66
N LEU B 44 6.57 21.18 -23.54
CA LEU B 44 7.52 22.18 -23.07
C LEU B 44 6.79 23.38 -22.50
N PRO B 45 7.20 23.89 -21.34
CA PRO B 45 6.59 25.10 -20.81
C PRO B 45 7.02 26.33 -21.61
N GLU B 46 6.35 27.44 -21.34
CA GLU B 46 6.82 28.73 -21.81
C GLU B 46 8.19 29.00 -21.20
N GLY B 47 9.15 29.39 -22.05
CA GLY B 47 10.53 29.60 -21.65
C GLY B 47 11.49 28.60 -22.26
N LEU B 48 11.00 27.41 -22.60
CA LEU B 48 11.82 26.38 -23.22
C LEU B 48 11.42 26.20 -24.69
N THR B 49 12.41 25.88 -25.50
CA THR B 49 12.20 25.68 -26.94
C THR B 49 12.74 24.31 -27.32
N PRO B 50 12.30 23.78 -28.47
CA PRO B 50 12.80 22.47 -28.90
C PRO B 50 14.31 22.48 -29.10
N ASP B 51 14.92 21.33 -28.86
CA ASP B 51 16.34 21.18 -29.11
C ASP B 51 16.58 21.10 -30.61
N PRO B 52 17.38 22.01 -31.19
CA PRO B 52 17.56 21.98 -32.65
C PRO B 52 18.31 20.77 -33.17
N ASP B 53 18.95 19.99 -32.30
CA ASP B 53 19.76 18.85 -32.72
C ASP B 53 19.19 17.50 -32.30
N SER B 54 18.57 17.41 -31.11
CA SER B 54 18.13 16.14 -30.57
C SER B 54 16.67 16.20 -30.10
N ALA B 55 15.86 17.04 -30.73
CA ALA B 55 14.44 17.07 -30.43
C ALA B 55 13.86 15.66 -30.52
N GLY B 56 13.11 15.28 -29.49
CA GLY B 56 12.54 13.95 -29.39
C GLY B 56 13.31 13.00 -28.50
N ARG B 57 14.58 13.26 -28.25
CA ARG B 57 15.35 12.41 -27.34
C ARG B 57 14.92 12.67 -25.90
N GLY B 58 14.93 11.61 -25.10
CA GLY B 58 14.65 11.72 -23.68
C GLY B 58 15.41 10.66 -22.92
N VAL B 59 15.28 10.72 -21.59
CA VAL B 59 15.92 9.76 -20.69
C VAL B 59 14.89 9.33 -19.67
N ALA B 60 14.70 8.02 -19.53
CA ALA B 60 13.84 7.45 -18.51
C ALA B 60 14.71 6.86 -17.41
N MET B 61 14.40 7.20 -16.16
CA MET B 61 15.21 6.73 -15.04
C MET B 61 14.32 6.13 -13.97
N PHE B 62 14.69 4.95 -13.50
CA PHE B 62 14.12 4.32 -12.32
C PHE B 62 15.20 4.34 -11.24
N ILE B 63 14.89 4.91 -10.07
CA ILE B 63 15.89 5.14 -9.05
C ILE B 63 15.40 4.60 -7.71
N ASP B 64 16.27 3.89 -7.02
CA ASP B 64 16.06 3.50 -5.61
C ASP B 64 16.82 4.51 -4.77
N TRP B 65 16.09 5.42 -4.13
CA TRP B 65 16.66 6.55 -3.42
C TRP B 65 16.71 6.29 -1.92
N GLN B 66 17.71 6.89 -1.28
CA GLN B 66 17.74 7.03 0.16
C GLN B 66 18.05 8.48 0.49
N TYR B 67 17.21 9.09 1.32
CA TYR B 67 17.32 10.50 1.67
C TYR B 67 17.77 10.64 3.11
N SER B 68 18.45 11.74 3.40
CA SER B 68 18.77 12.09 4.77
C SER B 68 18.97 13.61 4.85
N SER B 69 18.94 14.12 6.07
CA SER B 69 19.23 15.52 6.31
C SER B 69 20.36 15.64 7.33
N THR B 70 20.22 16.54 8.31
CA THR B 70 21.31 16.82 9.24
C THR B 70 21.31 15.91 10.46
N GLY B 71 20.41 14.92 10.54
CA GLY B 71 20.28 14.13 11.75
C GLY B 71 20.19 12.64 11.53
N LEU B 72 20.89 12.12 10.53
CA LEU B 72 20.90 10.68 10.24
C LEU B 72 19.49 10.15 10.03
N GLU B 73 18.68 10.93 9.31
CA GLU B 73 17.34 10.51 8.96
C GLU B 73 17.31 9.19 8.21
N TYR B 74 18.43 8.78 7.59
CA TYR B 74 18.43 7.51 6.89
C TYR B 74 18.34 6.32 7.84
N LEU B 75 18.43 6.54 9.15
CA LEU B 75 18.14 5.49 10.12
C LEU B 75 16.65 5.21 10.27
N ASP B 76 15.80 5.99 9.58
CA ASP B 76 14.35 5.82 9.60
C ASP B 76 13.90 5.51 8.18
N PRO B 77 14.26 4.33 7.66
CA PRO B 77 13.97 4.04 6.24
C PRO B 77 12.50 4.04 5.89
N ALA B 78 11.60 3.82 6.86
CA ALA B 78 10.18 3.88 6.57
C ALA B 78 9.77 5.23 5.99
N ARG B 79 10.47 6.29 6.37
CA ARG B 79 10.22 7.63 5.82
C ARG B 79 11.27 8.05 4.80
N SER B 80 12.51 7.60 4.94
CA SER B 80 13.62 8.18 4.21
C SER B 80 13.92 7.49 2.87
N GLN B 81 13.49 6.25 2.70
CA GLN B 81 13.72 5.51 1.46
C GLN B 81 12.51 5.62 0.56
N TYR B 82 12.76 5.76 -0.75
CA TYR B 82 11.68 5.82 -1.71
C TYR B 82 12.21 5.44 -3.09
N ARG B 83 11.28 5.12 -3.98
CA ARG B 83 11.59 4.70 -5.33
C ARG B 83 10.89 5.64 -6.31
N GLU B 84 11.56 5.90 -7.43
CA GLU B 84 11.24 7.04 -8.26
C GLU B 84 11.37 6.68 -9.73
N PHE B 85 10.39 7.11 -10.52
CA PHE B 85 10.44 6.99 -11.97
C PHE B 85 10.17 8.36 -12.57
N LEU B 86 11.08 8.81 -13.43
CA LEU B 86 10.92 10.09 -14.12
C LEU B 86 11.42 9.96 -15.55
N ILE B 87 10.98 10.90 -16.38
CA ILE B 87 11.56 11.08 -17.71
C ILE B 87 11.99 12.53 -17.84
N THR B 88 13.05 12.73 -18.62
CA THR B 88 13.43 14.06 -19.07
C THR B 88 13.45 14.07 -20.59
N LEU B 89 13.23 15.25 -21.17
CA LEU B 89 13.24 15.44 -22.61
C LEU B 89 14.24 16.53 -22.97
N ASP B 90 15.04 16.27 -24.00
CA ASP B 90 15.96 17.29 -24.49
C ASP B 90 15.19 18.55 -24.90
N ALA B 91 15.73 19.70 -24.52
CA ALA B 91 15.16 20.99 -24.92
C ALA B 91 16.28 22.02 -24.85
N HIS B 92 15.93 23.26 -25.17
CA HIS B 92 16.84 24.39 -25.08
C HIS B 92 16.25 25.45 -24.16
N CYS B 93 17.12 26.08 -23.37
CA CYS B 93 16.77 27.25 -22.57
C CYS B 93 17.69 28.38 -23.00
N ASN B 94 17.14 29.33 -23.76
CA ASN B 94 17.92 30.45 -24.29
C ASN B 94 19.17 29.96 -24.99
N GLY B 95 18.99 28.96 -25.86
CA GLY B 95 20.07 28.43 -26.65
C GLY B 95 20.96 27.42 -25.96
N ALA B 96 20.72 27.12 -24.69
CA ALA B 96 21.53 26.15 -23.97
C ALA B 96 20.83 24.81 -23.86
N PRO B 97 21.51 23.69 -24.11
CA PRO B 97 20.85 22.38 -23.98
C PRO B 97 20.50 22.08 -22.53
N VAL B 98 19.26 21.67 -22.29
CA VAL B 98 18.76 21.33 -20.96
C VAL B 98 17.90 20.08 -21.06
N ALA B 99 17.46 19.60 -19.89
CA ALA B 99 16.62 18.40 -19.79
C ALA B 99 15.37 18.77 -19.01
N TRP B 100 14.23 18.82 -19.71
CA TRP B 100 12.95 19.18 -19.11
C TRP B 100 12.28 17.95 -18.53
N CYS B 101 11.76 18.06 -17.30
CA CYS B 101 11.08 16.95 -16.64
C CYS B 101 9.57 17.18 -16.64
N PRO B 102 8.80 16.49 -17.50
CA PRO B 102 7.34 16.68 -17.50
C PRO B 102 6.61 15.80 -16.51
N TYR B 103 7.14 14.61 -16.22
CA TYR B 103 6.42 13.63 -15.41
C TYR B 103 7.41 12.91 -14.49
N ILE B 104 6.96 12.63 -13.27
CA ILE B 104 7.77 11.92 -12.29
C ILE B 104 6.84 11.32 -11.25
N TYR B 105 7.19 10.13 -10.77
CA TYR B 105 6.38 9.37 -9.84
C TYR B 105 7.25 8.84 -8.71
N VAL B 106 6.73 8.91 -7.48
CA VAL B 106 7.43 8.42 -6.30
C VAL B 106 6.44 7.68 -5.41
N ASP B 107 6.97 6.87 -4.49
CA ASP B 107 6.14 6.07 -3.60
C ASP B 107 6.20 6.54 -2.16
N ASN B 108 6.45 7.84 -1.95
CA ASN B 108 6.65 8.38 -0.62
C ASN B 108 6.13 9.82 -0.59
N ASP B 109 5.36 10.15 0.45
CA ASP B 109 4.72 11.47 0.49
C ASP B 109 5.72 12.57 0.81
N ALA B 110 6.75 12.28 1.60
CA ALA B 110 7.78 13.30 1.85
C ALA B 110 8.54 13.63 0.58
N ALA B 111 8.86 12.62 -0.22
CA ALA B 111 9.51 12.86 -1.51
C ALA B 111 8.62 13.68 -2.43
N MET B 112 7.32 13.40 -2.43
CA MET B 112 6.38 14.20 -3.22
C MET B 112 6.46 15.67 -2.83
N ALA B 113 6.47 15.96 -1.53
CA ALA B 113 6.50 17.34 -1.07
C ALA B 113 7.83 18.01 -1.43
N ARG B 114 8.95 17.33 -1.19
CA ARG B 114 10.25 17.87 -1.58
C ARG B 114 10.27 18.17 -3.08
N GLY B 115 9.67 17.29 -3.88
CA GLY B 115 9.67 17.49 -5.33
C GLY B 115 8.88 18.72 -5.73
N TRP B 116 7.67 18.87 -5.18
N TRP B 116 7.68 18.88 -5.16
CA TRP B 116 6.87 20.06 -5.45
CA TRP B 116 6.87 20.06 -5.45
C TRP B 116 7.66 21.33 -5.15
C TRP B 116 7.62 21.34 -5.13
N VAL B 117 8.40 21.33 -4.05
CA VAL B 117 9.19 22.52 -3.70
C VAL B 117 10.27 22.76 -4.75
N GLN B 118 10.83 21.68 -5.30
CA GLN B 118 11.85 21.81 -6.34
C GLN B 118 11.27 22.10 -7.72
N GLY B 119 9.97 21.89 -7.91
CA GLY B 119 9.37 21.97 -9.22
C GLY B 119 9.24 20.64 -9.93
N PHE B 120 9.69 19.55 -9.32
CA PHE B 120 9.42 18.22 -9.85
C PHE B 120 7.94 17.92 -9.70
N PRO B 121 7.20 17.65 -10.78
CA PRO B 121 5.73 17.47 -10.68
C PRO B 121 5.36 16.06 -10.21
N LYS B 122 5.76 15.72 -8.98
CA LYS B 122 5.65 14.35 -8.51
C LYS B 122 4.21 13.96 -8.21
N LYS B 123 3.85 12.76 -8.67
CA LYS B 123 2.65 12.07 -8.26
C LYS B 123 3.06 10.78 -7.56
N LEU B 124 2.11 10.12 -6.92
CA LEU B 124 2.42 8.84 -6.29
C LEU B 124 2.34 7.71 -7.31
N GLY B 125 3.23 6.74 -7.16
CA GLY B 125 3.24 5.57 -8.03
C GLY B 125 4.03 4.46 -7.38
N ALA B 126 4.00 3.31 -8.04
CA ALA B 126 4.72 2.12 -7.59
C ALA B 126 5.86 1.86 -8.57
N VAL B 127 7.08 1.90 -8.06
CA VAL B 127 8.29 1.83 -8.89
C VAL B 127 9.20 0.72 -8.35
N HIS B 128 9.75 -0.08 -9.26
CA HIS B 128 10.60 -1.19 -8.90
C HIS B 128 11.74 -1.33 -9.91
N GLN B 129 12.91 -1.75 -9.42
CA GLN B 129 14.05 -2.07 -10.27
C GLN B 129 14.77 -3.29 -9.72
N THR B 130 15.26 -4.13 -10.63
CA THR B 130 16.13 -5.23 -10.22
C THR B 130 17.32 -4.70 -9.43
N ARG B 131 17.72 -5.44 -8.40
CA ARG B 131 18.82 -5.07 -7.53
C ARG B 131 19.95 -6.08 -7.68
N ALA B 132 21.19 -5.60 -7.60
CA ALA B 132 22.38 -6.46 -7.66
C ALA B 132 22.94 -6.63 -6.25
N TYR B 133 23.10 -7.89 -5.85
CA TYR B 133 23.63 -8.23 -4.53
C TYR B 133 25.06 -8.77 -4.70
N SER B 134 25.96 -8.28 -3.85
CA SER B 134 27.37 -8.65 -3.98
C SER B 134 27.61 -10.13 -3.71
N VAL B 135 26.74 -10.76 -2.92
CA VAL B 135 26.93 -12.19 -2.62
C VAL B 135 26.82 -13.03 -3.87
N GLY B 136 26.10 -12.55 -4.88
CA GLY B 136 25.96 -13.29 -6.11
C GLY B 136 25.00 -14.46 -5.98
N GLY B 137 24.95 -15.27 -7.03
CA GLY B 137 24.09 -16.42 -7.08
C GLY B 137 22.92 -16.23 -8.02
N PRO B 138 22.08 -17.26 -8.14
CA PRO B 138 21.00 -17.22 -9.13
C PRO B 138 19.86 -16.26 -8.79
N GLY B 139 19.87 -15.64 -7.61
CA GLY B 139 18.85 -14.69 -7.24
C GLY B 139 19.18 -13.25 -7.58
N THR B 140 20.27 -13.00 -8.28
CA THR B 140 20.70 -11.64 -8.56
C THR B 140 21.46 -11.60 -9.88
N PRO B 141 21.38 -10.52 -10.62
CA PRO B 141 22.35 -10.30 -11.71
C PRO B 141 23.70 -9.91 -11.12
N VAL B 142 24.72 -9.97 -11.97
CA VAL B 142 26.06 -9.51 -11.61
C VAL B 142 26.33 -8.23 -12.39
N LEU B 143 26.63 -7.16 -11.66
CA LEU B 143 27.01 -5.91 -12.30
C LEU B 143 28.20 -6.16 -13.21
N GLY B 144 28.02 -5.91 -14.49
CA GLY B 144 29.05 -6.17 -15.48
C GLY B 144 28.46 -6.67 -16.79
N PRO B 145 29.32 -7.11 -17.70
CA PRO B 145 28.84 -7.54 -19.02
C PRO B 145 27.81 -8.66 -18.89
N GLY B 146 26.69 -8.49 -19.59
CA GLY B 146 25.63 -9.48 -19.59
C GLY B 146 24.66 -9.37 -18.43
N GLY B 147 24.91 -8.49 -17.47
CA GLY B 147 23.99 -8.33 -16.35
C GLY B 147 22.70 -7.67 -16.81
N GLN B 148 21.57 -8.27 -16.48
CA GLN B 148 20.26 -7.80 -16.91
C GLN B 148 19.49 -7.23 -15.72
N PHE B 149 18.81 -6.11 -15.97
CA PHE B 149 18.03 -5.42 -14.95
C PHE B 149 16.67 -5.02 -15.53
N GLY B 150 15.61 -5.36 -14.81
CA GLY B 150 14.27 -4.94 -15.17
C GLY B 150 13.79 -3.81 -14.27
N ALA B 151 12.83 -3.03 -14.78
CA ALA B 151 12.24 -1.95 -14.02
C ALA B 151 10.83 -1.68 -14.53
N THR B 152 9.96 -1.27 -13.62
CA THR B 152 8.58 -0.98 -13.95
C THR B 152 8.08 0.19 -13.12
N ALA B 153 7.04 0.84 -13.62
CA ALA B 153 6.36 1.91 -12.89
C ALA B 153 4.86 1.81 -13.14
N SER B 154 4.09 1.96 -12.08
CA SER B 154 2.64 1.98 -12.16
C SER B 154 2.11 3.23 -11.46
N SER B 155 0.91 3.64 -11.87
CA SER B 155 0.21 4.75 -11.24
C SER B 155 -1.25 4.39 -11.10
N ALA B 156 -1.79 4.53 -9.89
CA ALA B 156 -3.19 4.21 -9.61
C ALA B 156 -3.52 2.79 -10.06
N GLY B 157 -2.60 1.86 -9.82
CA GLY B 157 -2.82 0.48 -10.18
C GLY B 157 -2.71 0.18 -11.66
N GLN B 158 -2.18 1.11 -12.45
CA GLN B 158 -2.02 0.95 -13.88
C GLN B 158 -0.55 1.02 -14.24
N ARG B 159 -0.07 0.02 -14.98
CA ARG B 159 1.31 0.00 -15.43
C ARG B 159 1.51 1.05 -16.52
N ILE B 160 2.50 1.93 -16.32
CA ILE B 160 2.77 2.98 -17.29
C ILE B 160 4.13 2.87 -17.95
N ALA B 161 5.06 2.08 -17.41
CA ALA B 161 6.38 1.94 -18.02
C ALA B 161 6.98 0.59 -17.64
N GLU B 162 7.59 -0.07 -18.62
CA GLU B 162 8.31 -1.31 -18.41
C GLU B 162 9.61 -1.25 -19.19
N ALA B 163 10.71 -1.66 -18.56
CA ALA B 163 12.02 -1.51 -19.13
C ALA B 163 12.91 -2.69 -18.76
N LYS B 164 13.92 -2.92 -19.59
CA LYS B 164 14.96 -3.89 -19.31
C LYS B 164 16.25 -3.42 -19.98
N ILE B 165 17.37 -3.59 -19.28
CA ILE B 165 18.67 -3.24 -19.82
C ILE B 165 19.60 -4.44 -19.69
N THR B 166 20.55 -4.53 -20.61
CA THR B 166 21.62 -5.53 -20.56
C THR B 166 22.94 -4.78 -20.61
N LEU B 167 23.73 -4.86 -19.55
CA LEU B 167 24.96 -4.10 -19.46
C LEU B 167 26.02 -4.70 -20.39
N GLU B 168 26.86 -3.82 -20.94
CA GLU B 168 27.87 -4.24 -21.90
C GLU B 168 29.25 -3.72 -21.53
N GLN B 169 29.36 -2.43 -21.20
CA GLN B 169 30.66 -1.84 -20.95
C GLN B 169 30.61 -0.80 -19.84
N PRO B 170 31.69 -0.67 -19.08
CA PRO B 170 31.78 0.39 -18.07
C PRO B 170 32.02 1.74 -18.73
N VAL B 171 31.59 2.79 -18.04
CA VAL B 171 31.77 4.16 -18.49
C VAL B 171 32.90 4.77 -17.65
N PRO B 172 34.01 5.21 -18.26
CA PRO B 172 35.15 5.66 -17.47
C PRO B 172 34.97 7.09 -16.97
N ASP B 173 34.37 7.92 -17.81
CA ASP B 173 34.18 9.33 -17.52
C ASP B 173 32.70 9.63 -17.27
N PRO B 174 32.16 9.26 -16.10
CA PRO B 174 30.77 9.50 -15.74
C PRO B 174 30.51 10.97 -15.40
N SER B 179 24.58 15.21 -18.80
CA SER B 179 25.35 16.44 -18.84
C SER B 179 24.45 17.66 -18.90
N ARG B 180 23.17 17.44 -19.15
CA ARG B 180 22.20 18.53 -19.24
C ARG B 180 21.64 18.86 -17.87
N PRO B 181 21.55 20.13 -17.48
CA PRO B 181 20.83 20.46 -16.25
C PRO B 181 19.35 20.16 -16.39
N VAL B 182 18.74 19.78 -15.27
CA VAL B 182 17.31 19.51 -15.25
C VAL B 182 16.56 20.82 -15.04
N ILE B 183 15.55 21.06 -15.87
CA ILE B 183 14.67 22.22 -15.75
C ILE B 183 13.32 21.74 -15.25
N ASN B 184 12.78 22.45 -14.25
CA ASN B 184 11.51 22.13 -13.65
C ASN B 184 10.64 23.38 -13.59
N LEU B 185 9.40 23.21 -13.13
CA LEU B 185 8.43 24.30 -13.05
C LEU B 185 7.78 24.26 -11.68
N ARG B 186 8.18 25.18 -10.81
CA ARG B 186 7.45 25.40 -9.56
C ARG B 186 6.08 25.98 -9.89
N HIS B 187 5.03 25.33 -9.39
CA HIS B 187 3.66 25.70 -9.75
C HIS B 187 2.76 25.42 -8.56
N PHE B 188 2.06 26.45 -8.10
CA PHE B 188 1.10 26.32 -7.01
C PHE B 188 -0.12 27.18 -7.33
N PRO B 189 -1.29 26.59 -7.57
CA PRO B 189 -2.43 27.36 -8.07
C PRO B 189 -3.15 28.12 -6.97
N ARG B 190 -4.06 28.98 -7.39
CA ARG B 190 -4.98 29.69 -6.51
C ARG B 190 -6.36 29.05 -6.58
N LEU B 191 -7.05 29.06 -5.45
CA LEU B 191 -8.41 28.52 -5.36
C LEU B 191 -9.47 29.59 -5.22
N ALA B 192 -9.09 30.83 -4.91
CA ALA B 192 -10.06 31.91 -4.81
C ALA B 192 -10.84 32.04 -6.12
N ALA B 193 -12.16 32.18 -6.02
CA ALA B 193 -12.99 32.28 -7.20
C ALA B 193 -12.48 33.39 -8.12
N GLY B 194 -12.43 33.07 -9.42
CA GLY B 194 -11.94 34.00 -10.41
C GLY B 194 -10.45 33.92 -10.71
N GLN B 195 -9.69 33.20 -9.88
CA GLN B 195 -8.23 33.14 -10.02
C GLN B 195 -7.73 31.72 -10.26
N HIS B 196 -8.60 30.81 -10.69
CA HIS B 196 -8.18 29.43 -10.93
C HIS B 196 -7.20 29.32 -12.09
N ASP B 197 -7.12 30.34 -12.94
CA ASP B 197 -6.15 30.38 -14.03
C ASP B 197 -4.99 31.34 -13.73
N GLN B 198 -4.85 31.79 -12.48
CA GLN B 198 -3.81 32.73 -12.06
C GLN B 198 -3.04 32.10 -10.90
N PRO B 199 -2.11 31.19 -11.19
CA PRO B 199 -1.40 30.51 -10.11
C PRO B 199 -0.59 31.46 -9.25
N ALA B 200 -0.49 31.12 -7.96
CA ALA B 200 0.28 31.94 -7.03
C ALA B 200 1.77 31.80 -7.27
N VAL B 201 2.22 30.60 -7.59
CA VAL B 201 3.61 30.34 -7.98
C VAL B 201 3.58 29.70 -9.36
N HIS B 202 4.45 30.19 -10.25
CA HIS B 202 4.53 29.66 -11.61
C HIS B 202 5.85 30.17 -12.18
N GLU B 203 6.91 29.38 -12.01
CA GLU B 203 8.24 29.87 -12.34
C GLU B 203 9.12 28.71 -12.80
N LEU B 204 9.82 28.94 -13.90
CA LEU B 204 10.80 27.98 -14.40
C LEU B 204 12.04 28.02 -13.53
N VAL B 205 12.55 26.84 -13.15
CA VAL B 205 13.70 26.74 -12.28
C VAL B 205 14.68 25.73 -12.86
N MET B 206 15.95 25.89 -12.51
CA MET B 206 16.99 24.92 -12.84
C MET B 206 17.40 24.20 -11.56
N SER B 207 17.40 22.87 -11.60
CA SER B 207 17.84 22.09 -10.46
C SER B 207 19.31 22.36 -10.18
N VAL B 208 19.61 22.61 -8.90
CA VAL B 208 20.98 22.79 -8.43
C VAL B 208 21.33 21.62 -7.53
N LEU B 209 22.41 20.92 -7.87
CA LEU B 209 22.85 19.74 -7.13
C LEU B 209 24.25 19.98 -6.60
N ASP B 210 24.42 19.85 -5.27
CA ASP B 210 25.71 20.05 -4.64
C ASP B 210 26.46 18.73 -4.50
N ASP B 211 27.78 18.79 -4.66
CA ASP B 211 28.66 17.65 -4.39
C ASP B 211 28.19 16.40 -5.13
N THR B 212 27.85 16.57 -6.40
CA THR B 212 27.35 15.45 -7.20
C THR B 212 28.44 14.40 -7.40
N ALA B 213 28.04 13.13 -7.33
CA ALA B 213 28.96 12.02 -7.51
C ALA B 213 28.26 10.89 -8.24
N VAL B 214 28.99 10.25 -9.15
CA VAL B 214 28.51 9.08 -9.90
C VAL B 214 29.57 8.00 -9.79
N SER B 215 29.13 6.75 -9.57
CA SER B 215 30.07 5.66 -9.38
C SER B 215 29.55 4.37 -10.00
N ASP B 216 30.50 3.53 -10.43
CA ASP B 216 30.21 2.19 -10.95
C ASP B 216 29.23 2.25 -12.12
N ALA B 217 29.50 3.15 -13.06
CA ALA B 217 28.60 3.37 -14.19
C ALA B 217 28.82 2.34 -15.28
N TRP B 218 27.72 1.82 -15.83
CA TRP B 218 27.73 0.88 -16.93
C TRP B 218 26.71 1.31 -17.97
N VAL B 219 26.98 0.93 -19.22
CA VAL B 219 26.05 1.18 -20.32
C VAL B 219 25.88 -0.12 -21.10
N GLY B 220 24.77 -0.20 -21.82
CA GLY B 220 24.47 -1.36 -22.63
C GLY B 220 23.23 -1.16 -23.47
N THR B 221 22.54 -2.24 -23.79
CA THR B 221 21.34 -2.19 -24.61
C THR B 221 20.11 -1.99 -23.72
N ALA B 222 18.98 -1.67 -24.34
CA ALA B 222 17.78 -1.33 -23.58
C ALA B 222 16.52 -1.62 -24.37
N ASP B 223 15.48 -2.02 -23.64
CA ASP B 223 14.12 -2.07 -24.13
C ASP B 223 13.25 -1.22 -23.22
N LEU B 224 12.30 -0.49 -23.80
CA LEU B 224 11.46 0.41 -23.03
C LEU B 224 10.13 0.59 -23.73
N ALA B 225 9.05 0.61 -22.95
CA ALA B 225 7.73 0.93 -23.46
C ALA B 225 6.97 1.75 -22.43
N PHE B 226 6.28 2.77 -22.91
CA PHE B 226 5.29 3.49 -22.12
C PHE B 226 3.91 2.98 -22.50
N LEU B 227 3.06 2.72 -21.49
CA LEU B 227 1.76 2.13 -21.73
C LEU B 227 0.65 3.12 -21.47
N PRO B 228 -0.39 3.17 -22.31
CA PRO B 228 -1.51 4.07 -22.05
C PRO B 228 -2.19 3.72 -20.73
N ALA B 229 -2.63 4.76 -20.01
CA ALA B 229 -3.32 4.58 -18.75
C ALA B 229 -4.31 5.72 -18.56
N HIS B 230 -5.41 5.43 -17.86
CA HIS B 230 -6.36 6.49 -17.51
C HIS B 230 -5.72 7.50 -16.59
N GLY B 231 -5.94 8.79 -16.88
CA GLY B 231 -5.42 9.85 -16.03
C GLY B 231 -3.94 10.09 -16.15
N GLU B 232 -3.28 9.51 -17.15
CA GLU B 232 -1.87 9.75 -17.41
C GLU B 232 -1.68 10.11 -18.88
N GLU B 233 -0.56 10.75 -19.18
CA GLU B 233 -0.23 11.15 -20.55
C GLU B 233 1.17 10.73 -20.96
N LEU B 234 1.85 9.89 -20.16
CA LEU B 234 3.20 9.47 -20.50
C LEU B 234 3.25 8.79 -21.86
N ALA B 235 2.27 7.92 -22.15
CA ALA B 235 2.26 7.16 -23.39
C ALA B 235 2.05 8.05 -24.61
N ASP B 236 1.69 9.32 -24.43
CA ASP B 236 1.67 10.25 -25.54
C ASP B 236 3.06 10.63 -26.02
N LEU B 237 4.10 10.15 -25.34
CA LEU B 237 5.48 10.26 -25.77
C LEU B 237 5.96 8.86 -26.13
N PRO B 238 5.42 8.26 -27.19
CA PRO B 238 5.72 6.84 -27.45
C PRO B 238 7.19 6.63 -27.74
N VAL B 239 7.71 5.49 -27.27
CA VAL B 239 9.08 5.08 -27.53
C VAL B 239 9.13 4.59 -28.98
N ARG B 240 9.65 5.42 -29.88
CA ARG B 240 9.84 4.99 -31.26
C ARG B 240 11.08 4.12 -31.41
N ARG B 241 12.09 4.35 -30.57
CA ARG B 241 13.30 3.55 -30.55
C ARG B 241 14.04 3.87 -29.27
N THR B 242 14.89 2.94 -28.84
CA THR B 242 15.69 3.11 -27.64
C THR B 242 17.15 3.35 -28.02
N GLY B 243 17.84 4.11 -27.17
CA GLY B 243 19.27 4.22 -27.26
C GLY B 243 19.94 3.35 -26.22
N LYS B 244 20.88 3.90 -25.47
CA LYS B 244 21.61 3.13 -24.49
C LYS B 244 20.81 2.92 -23.22
N GLY B 245 20.95 1.74 -22.61
CA GLY B 245 20.60 1.56 -21.23
C GLY B 245 21.80 1.85 -20.35
N PHE B 246 21.54 2.20 -19.09
CA PHE B 246 22.64 2.53 -18.20
C PHE B 246 22.28 2.24 -16.76
N HIS B 247 23.34 2.08 -15.95
CA HIS B 247 23.22 1.67 -14.56
C HIS B 247 24.35 2.35 -13.79
N PHE B 248 24.00 3.08 -12.73
CA PHE B 248 25.03 3.72 -11.92
C PHE B 248 24.45 4.16 -10.58
N ASP B 249 25.34 4.34 -9.61
CA ASP B 249 25.01 4.99 -8.35
C ASP B 249 25.14 6.51 -8.50
N LEU B 250 24.32 7.24 -7.75
CA LEU B 250 24.25 8.69 -7.84
C LEU B 250 24.07 9.27 -6.46
N ALA B 251 24.82 10.34 -6.15
CA ALA B 251 24.66 11.04 -4.90
C ALA B 251 24.78 12.54 -5.12
N PHE B 252 24.01 13.30 -4.35
CA PHE B 252 24.11 14.76 -4.36
C PHE B 252 23.38 15.30 -3.14
N THR B 253 23.57 16.60 -2.91
CA THR B 253 22.89 17.34 -1.85
C THR B 253 22.14 18.50 -2.48
N VAL B 254 20.95 18.79 -1.95
CA VAL B 254 20.13 19.91 -2.41
C VAL B 254 20.10 20.96 -1.29
N THR B 255 20.57 22.17 -1.61
CA THR B 255 20.49 23.30 -0.70
C THR B 255 19.94 24.56 -1.36
N ASP B 256 19.69 24.53 -2.66
CA ASP B 256 19.50 25.74 -3.44
C ASP B 256 18.63 25.40 -4.64
N LEU B 257 18.14 26.45 -5.30
CA LEU B 257 17.36 26.30 -6.52
C LEU B 257 17.46 27.61 -7.27
N MET B 258 17.60 27.52 -8.60
CA MET B 258 17.84 28.70 -9.44
C MET B 258 16.56 29.05 -10.18
N THR B 259 15.98 30.20 -9.84
CA THR B 259 14.84 30.71 -10.59
C THR B 259 15.31 31.28 -11.92
N LEU B 260 14.72 30.80 -13.01
CA LEU B 260 15.04 31.27 -14.35
C LEU B 260 14.07 32.34 -14.83
N ALA B 261 12.77 32.08 -14.71
CA ALA B 261 11.75 33.01 -15.18
C ALA B 261 10.51 32.86 -14.32
N ASP B 262 10.01 33.98 -13.82
CA ASP B 262 8.79 34.02 -13.01
C ASP B 262 7.63 34.39 -13.93
N HIS B 263 6.77 33.42 -14.23
CA HIS B 263 5.63 33.64 -15.10
C HIS B 263 4.35 33.96 -14.33
N SER B 264 4.44 34.27 -13.04
CA SER B 264 3.27 34.60 -12.24
C SER B 264 2.93 36.09 -12.38
N MET C 1 0.82 24.65 -22.14
CA MET C 1 0.47 23.52 -21.23
C MET C 1 -0.87 23.77 -20.55
N LYS C 2 -1.59 22.69 -20.28
CA LYS C 2 -2.87 22.76 -19.61
C LYS C 2 -2.78 22.06 -18.25
N GLY C 3 -3.80 22.29 -17.43
CA GLY C 3 -3.90 21.67 -16.13
C GLY C 3 -4.07 22.72 -15.03
N TYR C 4 -4.47 22.22 -13.86
CA TYR C 4 -4.66 23.06 -12.68
C TYR C 4 -3.53 22.90 -11.68
N THR C 5 -3.37 21.71 -11.10
CA THR C 5 -2.17 21.39 -10.34
C THR C 5 -1.13 20.74 -11.27
N VAL C 6 0.05 20.49 -10.72
CA VAL C 6 1.07 19.75 -11.47
C VAL C 6 0.65 18.29 -11.53
N PRO C 7 1.13 17.51 -12.50
CA PRO C 7 1.88 18.00 -13.66
C PRO C 7 0.99 18.71 -14.67
N LEU C 8 1.42 19.86 -15.16
CA LEU C 8 0.80 20.44 -16.34
C LEU C 8 1.20 19.63 -17.56
N SER C 9 0.34 19.61 -18.57
CA SER C 9 0.47 18.63 -19.63
C SER C 9 -0.22 19.16 -20.88
N PRO C 10 -0.01 18.51 -22.03
CA PRO C 10 -0.69 18.97 -23.26
C PRO C 10 -2.20 18.86 -23.20
N ARG C 11 -2.74 17.84 -22.53
CA ARG C 11 -4.18 17.61 -22.51
C ARG C 11 -4.85 18.03 -21.20
N GLY C 12 -4.08 18.39 -20.18
CA GLY C 12 -4.68 18.73 -18.89
C GLY C 12 -5.32 17.55 -18.19
N ILE C 13 -4.85 16.34 -18.45
CA ILE C 13 -5.40 15.14 -17.84
C ILE C 13 -4.49 14.63 -16.73
N ALA C 14 -3.18 14.67 -16.93
CA ALA C 14 -2.24 14.08 -15.99
C ALA C 14 -2.22 14.80 -14.65
N ASN C 15 -2.70 16.04 -14.57
CA ASN C 15 -2.60 16.79 -13.33
C ASN C 15 -3.26 16.03 -12.18
N LEU C 16 -2.67 16.17 -10.99
CA LEU C 16 -3.21 15.48 -9.82
C LEU C 16 -4.67 15.86 -9.58
N ALA C 17 -4.99 17.15 -9.73
CA ALA C 17 -6.36 17.59 -9.60
C ALA C 17 -6.66 18.60 -10.71
N PRO C 18 -7.82 18.50 -11.36
CA PRO C 18 -8.22 19.52 -12.32
C PRO C 18 -8.76 20.74 -11.59
N ALA C 19 -9.14 21.76 -12.36
CA ALA C 19 -9.74 22.94 -11.76
C ALA C 19 -11.07 22.57 -11.11
N PRO C 20 -11.49 23.31 -10.09
CA PRO C 20 -12.83 23.11 -9.54
C PRO C 20 -13.88 23.23 -10.62
N PRO C 21 -15.13 22.83 -10.34
CA PRO C 21 -15.65 22.39 -9.05
C PRO C 21 -15.19 21.01 -8.61
N TRP C 22 -14.97 20.85 -7.31
CA TRP C 22 -14.68 19.56 -6.68
C TRP C 22 -15.88 19.17 -5.83
N HIS C 23 -16.44 18.00 -6.09
CA HIS C 23 -17.61 17.51 -5.36
C HIS C 23 -17.19 16.42 -4.39
N TYR C 24 -17.84 16.40 -3.22
CA TYR C 24 -17.52 15.46 -2.16
C TYR C 24 -18.78 14.87 -1.57
N ALA C 25 -18.74 13.55 -1.35
CA ALA C 25 -19.75 12.84 -0.56
C ALA C 25 -19.03 11.90 0.38
N GLY C 26 -19.36 11.97 1.67
CA GLY C 26 -18.62 11.19 2.64
C GLY C 26 -19.46 10.76 3.83
N THR C 27 -18.89 9.81 4.58
CA THR C 27 -19.48 9.32 5.82
C THR C 27 -18.47 9.54 6.94
N VAL C 28 -18.91 10.21 8.00
CA VAL C 28 -18.02 10.71 9.05
C VAL C 28 -18.27 9.93 10.34
N VAL C 29 -17.18 9.46 10.95
CA VAL C 29 -17.16 9.06 12.36
C VAL C 29 -16.39 10.12 13.10
N GLY C 30 -17.06 10.82 14.01
CA GLY C 30 -16.46 11.96 14.68
C GLY C 30 -16.50 11.83 16.19
N VAL C 31 -15.51 12.43 16.84
CA VAL C 31 -15.39 12.40 18.30
C VAL C 31 -15.03 13.80 18.77
N GLU C 32 -15.87 14.37 19.62
CA GLU C 32 -15.52 15.57 20.36
C GLU C 32 -14.55 15.20 21.49
N PHE C 33 -13.46 15.97 21.63
CA PHE C 33 -12.47 15.69 22.65
C PHE C 33 -11.99 16.99 23.27
N PHE C 34 -11.32 16.85 24.42
CA PHE C 34 -10.82 18.00 25.18
C PHE C 34 -9.37 17.72 25.55
N THR C 35 -8.48 18.63 25.17
CA THR C 35 -7.05 18.53 25.48
C THR C 35 -6.66 19.76 26.31
N ASP C 36 -5.37 19.90 26.56
CA ASP C 36 -4.87 21.02 27.35
C ASP C 36 -5.05 22.32 26.56
N PRO C 37 -5.69 23.34 27.13
CA PRO C 37 -5.81 24.62 26.41
C PRO C 37 -4.46 25.16 25.93
N ALA C 38 -3.41 25.05 26.74
CA ALA C 38 -2.10 25.55 26.34
C ALA C 38 -1.55 24.78 25.14
N ALA C 39 -1.85 23.49 25.05
CA ALA C 39 -1.38 22.70 23.91
C ALA C 39 -2.09 23.12 22.64
N ALA C 40 -3.41 23.26 22.69
CA ALA C 40 -4.17 23.74 21.53
C ALA C 40 -3.66 25.11 21.10
N ALA C 41 -3.47 26.03 22.07
CA ALA C 41 -2.99 27.36 21.74
C ALA C 41 -1.63 27.31 21.05
N ALA C 42 -0.78 26.34 21.41
CA ALA C 42 0.56 26.26 20.82
C ALA C 42 0.50 25.99 19.33
N THR C 43 -0.56 25.33 18.85
CA THR C 43 -0.68 25.01 17.43
C THR C 43 -1.28 26.13 16.61
N LEU C 44 -1.85 27.15 17.26
CA LEU C 44 -2.61 28.15 16.51
C LEU C 44 -1.66 29.05 15.72
N PRO C 45 -2.02 29.38 14.48
CA PRO C 45 -1.20 30.33 13.72
C PRO C 45 -1.44 31.76 14.20
N GLU C 46 -0.52 32.63 13.81
CA GLU C 46 -0.72 34.06 14.02
C GLU C 46 -2.00 34.49 13.30
N GLY C 47 -2.87 35.19 14.01
CA GLY C 47 -4.16 35.60 13.50
C GLY C 47 -5.33 34.94 14.19
N LEU C 48 -5.14 33.78 14.78
CA LEU C 48 -6.18 33.10 15.55
C LEU C 48 -5.94 33.27 17.03
N THR C 49 -7.04 33.34 17.78
CA THR C 49 -7.05 33.56 19.21
C THR C 49 -7.61 32.34 19.93
N PRO C 50 -7.11 32.02 21.12
CA PRO C 50 -7.75 30.95 21.91
C PRO C 50 -9.23 31.24 22.12
N ASP C 51 -10.03 30.19 22.09
CA ASP C 51 -11.47 30.35 22.27
C ASP C 51 -11.76 30.67 23.73
N PRO C 52 -12.37 31.83 24.03
CA PRO C 52 -12.57 32.19 25.44
C PRO C 52 -13.56 31.30 26.18
N ASP C 53 -14.31 30.47 25.47
CA ASP C 53 -15.33 29.62 26.09
C ASP C 53 -14.98 28.15 26.10
N SER C 54 -14.33 27.65 25.05
CA SER C 54 -14.10 26.21 24.89
C SER C 54 -12.66 25.91 24.50
N ALA C 55 -11.71 26.73 24.95
CA ALA C 55 -10.30 26.47 24.68
C ALA C 55 -9.94 25.06 25.11
N GLY C 56 -9.26 24.33 24.23
CA GLY C 56 -8.89 22.96 24.46
C GLY C 56 -9.84 21.95 23.84
N ARG C 57 -11.04 22.36 23.48
CA ARG C 57 -11.96 21.48 22.77
C ARG C 57 -11.50 21.29 21.33
N GLY C 58 -11.73 20.09 20.82
CA GLY C 58 -11.45 19.79 19.43
C GLY C 58 -12.40 18.72 18.94
N VAL C 59 -12.29 18.42 17.65
CA VAL C 59 -13.07 17.37 17.01
C VAL C 59 -12.13 16.54 16.15
N ALA C 60 -12.17 15.22 16.34
CA ALA C 60 -11.47 14.28 15.49
C ALA C 60 -12.46 13.62 14.56
N MET C 61 -12.13 13.59 13.26
CA MET C 61 -13.04 13.05 12.26
C MET C 61 -12.31 12.03 11.40
N PHE C 62 -12.94 10.87 11.23
CA PHE C 62 -12.53 9.84 10.28
C PHE C 62 -13.59 9.80 9.20
N ILE C 63 -13.19 10.01 7.94
CA ILE C 63 -14.14 10.20 6.86
C ILE C 63 -13.79 9.27 5.70
N ASP C 64 -14.80 8.58 5.17
CA ASP C 64 -14.69 7.83 3.93
C ASP C 64 -15.26 8.72 2.82
N TRP C 65 -14.37 9.31 2.03
CA TRP C 65 -14.75 10.30 1.03
C TRP C 65 -14.88 9.67 -0.35
N GLN C 66 -15.79 10.23 -1.15
CA GLN C 66 -15.83 10.00 -2.58
C GLN C 66 -15.86 11.37 -3.26
N TYR C 67 -14.95 11.57 -4.21
CA TYR C 67 -14.78 12.84 -4.89
C TYR C 67 -15.22 12.71 -6.34
N SER C 68 -15.66 13.84 -6.91
CA SER C 68 -15.95 13.88 -8.34
C SER C 68 -15.85 15.33 -8.80
N SER C 69 -15.77 15.49 -10.13
CA SER C 69 -15.76 16.81 -10.73
C SER C 69 -16.88 16.90 -11.76
N THR C 70 -16.58 17.40 -12.95
CA THR C 70 -17.60 17.65 -13.96
C THR C 70 -17.82 16.47 -14.90
N GLY C 71 -17.13 15.36 -14.72
CA GLY C 71 -17.21 14.27 -15.67
C GLY C 71 -17.43 12.89 -15.07
N LEU C 72 -18.20 12.81 -13.98
CA LEU C 72 -18.48 11.53 -13.33
C LEU C 72 -17.20 10.82 -12.93
N GLU C 73 -16.25 11.59 -12.39
CA GLU C 73 -15.00 11.01 -11.92
C GLU C 73 -15.22 9.94 -10.85
N TYR C 74 -16.38 9.94 -10.18
CA TYR C 74 -16.60 8.91 -9.17
C TYR C 74 -16.77 7.52 -9.78
N LEU C 75 -16.86 7.41 -11.10
CA LEU C 75 -16.82 6.12 -11.77
C LEU C 75 -15.41 5.53 -11.82
N ASP C 76 -14.41 6.26 -11.33
CA ASP C 76 -13.02 5.80 -11.27
C ASP C 76 -12.59 5.78 -9.81
N PRO C 77 -13.15 4.85 -9.02
CA PRO C 77 -12.91 4.87 -7.57
C PRO C 77 -11.45 4.67 -7.19
N ALA C 78 -10.63 4.05 -8.05
CA ALA C 78 -9.21 3.90 -7.74
C ALA C 78 -8.55 5.26 -7.52
N ARG C 79 -9.07 6.30 -8.16
CA ARG C 79 -8.57 7.66 -7.98
C ARG C 79 -9.47 8.55 -7.12
N SER C 80 -10.78 8.33 -7.17
CA SER C 80 -11.72 9.29 -6.60
C SER C 80 -12.08 9.01 -5.14
N GLN C 81 -11.94 7.76 -4.68
CA GLN C 81 -12.25 7.43 -3.30
C GLN C 81 -11.00 7.56 -2.44
N TYR C 82 -11.18 8.08 -1.23
CA TYR C 82 -10.07 8.18 -0.30
C TYR C 82 -10.62 8.26 1.12
N ARG C 83 -9.76 7.99 2.08
CA ARG C 83 -10.12 7.98 3.49
C ARG C 83 -9.23 8.97 4.22
N GLU C 84 -9.81 9.65 5.21
CA GLU C 84 -9.23 10.87 5.74
C GLU C 84 -9.39 10.91 7.25
N PHE C 85 -8.33 11.34 7.95
CA PHE C 85 -8.38 11.61 9.38
C PHE C 85 -7.84 13.00 9.62
N LEU C 86 -8.62 13.82 10.33
CA LEU C 86 -8.19 15.17 10.69
C LEU C 86 -8.69 15.50 12.08
N ILE C 87 -8.06 16.51 12.68
CA ILE C 87 -8.60 17.12 13.89
C ILE C 87 -8.76 18.61 13.63
N THR C 88 -9.75 19.18 14.30
CA THR C 88 -9.90 20.62 14.40
C THR C 88 -9.89 21.01 15.86
N LEU C 89 -9.45 22.23 16.15
CA LEU C 89 -9.40 22.76 17.50
C LEU C 89 -10.19 24.05 17.56
N ASP C 90 -11.04 24.17 18.58
CA ASP C 90 -11.78 25.41 18.77
C ASP C 90 -10.82 26.59 18.89
N ALA C 91 -11.16 27.68 18.22
CA ALA C 91 -10.40 28.92 18.31
C ALA C 91 -11.33 30.07 17.96
N HIS C 92 -10.81 31.28 18.06
CA HIS C 92 -11.53 32.48 17.66
C HIS C 92 -10.75 33.22 16.58
N CYS C 93 -11.50 33.78 15.63
CA CYS C 93 -10.96 34.71 14.64
C CYS C 93 -11.71 36.03 14.81
N ASN C 94 -11.05 37.02 15.39
CA ASN C 94 -11.65 38.33 15.64
C ASN C 94 -13.02 38.18 16.30
N GLY C 95 -13.06 37.41 17.39
CA GLY C 95 -14.27 37.25 18.18
C GLY C 95 -15.26 36.23 17.65
N ALA C 96 -14.98 35.60 16.51
CA ALA C 96 -15.92 34.65 15.92
C ALA C 96 -15.41 33.23 16.12
N PRO C 97 -16.26 32.29 16.55
CA PRO C 97 -15.80 30.91 16.75
C PRO C 97 -15.45 30.25 15.42
N VAL C 98 -14.28 29.63 15.38
CA VAL C 98 -13.80 28.93 14.19
C VAL C 98 -13.16 27.61 14.63
N ALA C 99 -12.71 26.84 13.63
CA ALA C 99 -12.11 25.53 13.87
C ALA C 99 -10.80 25.45 13.09
N TRP C 100 -9.68 25.49 13.81
CA TRP C 100 -8.36 25.42 13.20
C TRP C 100 -7.96 23.97 12.98
N CYS C 101 -7.46 23.66 11.78
CA CYS C 101 -7.03 22.30 11.44
C CYS C 101 -5.51 22.23 11.40
N PRO C 102 -4.85 21.65 12.42
CA PRO C 102 -3.39 21.57 12.41
C PRO C 102 -2.85 20.35 11.69
N TYR C 103 -3.57 19.23 11.74
CA TYR C 103 -3.10 17.96 11.21
C TYR C 103 -4.22 17.25 10.46
N ILE C 104 -3.86 16.61 9.36
CA ILE C 104 -4.82 15.85 8.57
C ILE C 104 -4.05 14.84 7.73
N TYR C 105 -4.64 13.66 7.55
CA TYR C 105 -4.00 12.53 6.87
C TYR C 105 -4.95 11.91 5.87
N VAL C 106 -4.40 11.48 4.74
N VAL C 106 -4.44 11.59 4.68
CA VAL C 106 -5.16 10.96 3.62
CA VAL C 106 -5.24 10.94 3.63
C VAL C 106 -4.38 9.79 3.02
C VAL C 106 -4.41 9.83 3.01
N ASP C 107 -5.10 8.92 2.30
CA ASP C 107 -4.48 7.78 1.64
C ASP C 107 -4.50 7.90 0.11
N ASN C 108 -4.43 9.12 -0.42
CA ASN C 108 -4.64 9.37 -1.85
C ASN C 108 -3.87 10.62 -2.25
N ASP C 109 -3.08 10.53 -3.34
CA ASP C 109 -2.21 11.65 -3.70
C ASP C 109 -3.00 12.81 -4.28
N ALA C 110 -4.07 12.52 -5.05
CA ALA C 110 -4.89 13.61 -5.57
C ALA C 110 -5.51 14.40 -4.43
N ALA C 111 -6.00 13.71 -3.40
CA ALA C 111 -6.59 14.40 -2.26
C ALA C 111 -5.54 15.22 -1.52
N MET C 112 -4.31 14.71 -1.43
CA MET C 112 -3.24 15.49 -0.82
C MET C 112 -3.01 16.78 -1.58
N ALA C 113 -3.00 16.72 -2.90
CA ALA C 113 -2.80 17.92 -3.72
C ALA C 113 -3.95 18.90 -3.52
N ARG C 114 -5.20 18.42 -3.61
CA ARG C 114 -6.34 19.29 -3.38
C ARG C 114 -6.27 19.92 -1.99
N GLY C 115 -5.82 19.16 -1.00
CA GLY C 115 -5.70 19.69 0.34
C GLY C 115 -4.71 20.82 0.44
N TRP C 116 -3.50 20.62 -0.09
N TRP C 116 -3.50 20.62 -0.08
CA TRP C 116 -2.48 21.67 -0.06
CA TRP C 116 -2.50 21.67 -0.06
C TRP C 116 -3.01 22.95 -0.70
C TRP C 116 -3.03 22.95 -0.69
N VAL C 117 -3.72 22.83 -1.82
CA VAL C 117 -4.28 24.01 -2.48
C VAL C 117 -5.26 24.72 -1.56
N GLN C 118 -6.04 23.96 -0.79
CA GLN C 118 -6.99 24.53 0.16
C GLN C 118 -6.34 25.02 1.44
N GLY C 119 -5.11 24.62 1.72
CA GLY C 119 -4.48 24.91 2.99
C GLY C 119 -4.60 23.80 4.01
N PHE C 120 -5.27 22.70 3.70
CA PHE C 120 -5.23 21.52 4.55
C PHE C 120 -3.83 20.92 4.51
N PRO C 121 -3.14 20.79 5.65
CA PRO C 121 -1.74 20.30 5.63
C PRO C 121 -1.67 18.77 5.56
N LYS C 122 -2.12 18.22 4.44
CA LYS C 122 -2.31 16.77 4.34
C LYS C 122 -0.97 16.04 4.20
N LYS C 123 -0.86 14.93 4.92
CA LYS C 123 0.19 13.94 4.72
C LYS C 123 -0.46 12.60 4.41
N LEU C 124 0.35 11.64 3.95
CA LEU C 124 -0.16 10.31 3.69
C LEU C 124 -0.40 9.57 5.00
N GLY C 125 -1.48 8.80 5.04
CA GLY C 125 -1.77 7.95 6.18
C GLY C 125 -2.74 6.86 5.79
N ALA C 126 -2.90 5.90 6.70
CA ALA C 126 -3.84 4.80 6.54
C ALA C 126 -4.99 4.99 7.51
N VAL C 127 -6.21 5.13 6.98
CA VAL C 127 -7.39 5.49 7.77
C VAL C 127 -8.48 4.47 7.50
N HIS C 128 -9.19 4.08 8.56
CA HIS C 128 -10.24 3.07 8.46
C HIS C 128 -11.36 3.42 9.45
N GLN C 129 -12.59 3.09 9.06
CA GLN C 129 -13.75 3.23 9.94
C GLN C 129 -14.72 2.08 9.69
N THR C 130 -15.31 1.57 10.77
CA THR C 130 -16.38 0.58 10.64
C THR C 130 -17.48 1.13 9.75
N ARG C 131 -18.04 0.26 8.92
CA ARG C 131 -19.08 0.61 7.97
C ARG C 131 -20.38 -0.09 8.32
N ALA C 132 -21.51 0.57 8.03
CA ALA C 132 -22.83 0.02 8.30
C ALA C 132 -23.47 -0.43 7.00
N TYR C 133 -23.92 -1.68 6.97
CA TYR C 133 -24.54 -2.28 5.78
C TYR C 133 -26.03 -2.47 6.01
N SER C 134 -26.83 -2.04 5.04
CA SER C 134 -28.28 -2.12 5.16
C SER C 134 -28.78 -3.55 5.29
N VAL C 135 -28.04 -4.52 4.72
CA VAL C 135 -28.48 -5.91 4.79
C VAL C 135 -28.52 -6.39 6.23
N GLY C 136 -27.65 -5.86 7.08
CA GLY C 136 -27.63 -6.26 8.47
C GLY C 136 -26.93 -7.59 8.69
N GLY C 137 -27.04 -8.08 9.92
CA GLY C 137 -26.42 -9.33 10.29
C GLY C 137 -25.20 -9.12 11.16
N PRO C 138 -24.55 -10.23 11.55
CA PRO C 138 -23.43 -10.13 12.51
C PRO C 138 -22.18 -9.48 11.96
N GLY C 139 -22.12 -9.18 10.66
CA GLY C 139 -20.96 -8.54 10.09
C GLY C 139 -21.01 -7.02 10.08
N THR C 140 -22.07 -6.42 10.62
CA THR C 140 -22.21 -4.97 10.56
C THR C 140 -22.91 -4.46 11.81
N PRO C 141 -22.59 -3.27 12.27
CA PRO C 141 -23.43 -2.60 13.26
C PRO C 141 -24.69 -2.08 12.61
N VAL C 142 -25.66 -1.72 13.45
CA VAL C 142 -26.86 -1.03 12.99
C VAL C 142 -26.57 0.46 13.01
N LEU C 143 -27.00 1.16 11.95
CA LEU C 143 -26.93 2.62 11.92
C LEU C 143 -28.14 3.14 12.70
N GLY C 144 -27.99 3.13 14.02
CA GLY C 144 -29.06 3.48 14.92
C GLY C 144 -28.65 3.21 16.35
N PRO C 145 -29.60 3.32 17.29
CA PRO C 145 -29.26 3.18 18.71
C PRO C 145 -28.53 1.87 18.98
N GLY C 146 -27.41 1.97 19.71
CA GLY C 146 -26.61 0.82 20.07
C GLY C 146 -25.52 0.47 19.09
N GLY C 147 -25.54 1.05 17.89
CA GLY C 147 -24.53 0.72 16.89
C GLY C 147 -23.16 1.20 17.33
N GLN C 148 -22.17 0.33 17.23
CA GLN C 148 -20.80 0.65 17.60
C GLN C 148 -19.93 0.72 16.35
N PHE C 149 -19.06 1.73 16.30
CA PHE C 149 -18.19 1.97 15.16
C PHE C 149 -16.79 2.26 15.67
N GLY C 150 -15.80 1.56 15.13
CA GLY C 150 -14.42 1.83 15.41
C GLY C 150 -13.75 2.59 14.27
N ALA C 151 -12.64 3.26 14.60
CA ALA C 151 -11.89 3.99 13.58
C ALA C 151 -10.45 4.13 14.05
N THR C 152 -9.53 4.10 13.09
CA THR C 152 -8.11 4.19 13.38
C THR C 152 -7.41 5.00 12.29
N ALA C 153 -6.26 5.55 12.66
CA ALA C 153 -5.40 6.26 11.72
C ALA C 153 -3.95 5.94 12.02
N SER C 154 -3.18 5.66 10.97
CA SER C 154 -1.75 5.43 11.07
C SER C 154 -1.02 6.33 10.09
N SER C 155 0.24 6.64 10.43
CA SER C 155 1.11 7.38 9.52
C SER C 155 2.49 6.75 9.53
N ALA C 156 3.02 6.46 8.34
CA ALA C 156 4.32 5.81 8.20
C ALA C 156 4.40 4.52 9.00
N GLY C 157 3.30 3.78 9.01
CA GLY C 157 3.25 2.51 9.71
C GLY C 157 3.14 2.61 11.21
N GLN C 158 2.82 3.78 11.74
CA GLN C 158 2.67 4.00 13.18
C GLN C 158 1.23 4.42 13.45
N ARG C 159 0.61 3.76 14.43
CA ARG C 159 -0.75 4.10 14.83
C ARG C 159 -0.74 5.41 15.61
N ILE C 160 -1.55 6.38 15.18
CA ILE C 160 -1.60 7.68 15.83
C ILE C 160 -2.96 7.98 16.46
N ALA C 161 -4.03 7.31 16.07
CA ALA C 161 -5.33 7.54 16.68
C ALA C 161 -6.16 6.26 16.64
N GLU C 162 -6.88 6.00 17.74
CA GLU C 162 -7.83 4.91 17.80
C GLU C 162 -9.09 5.42 18.49
N ALA C 163 -10.25 5.10 17.93
CA ALA C 163 -11.51 5.67 18.38
C ALA C 163 -12.61 4.63 18.32
N LYS C 164 -13.63 4.84 19.14
CA LYS C 164 -14.85 4.04 19.10
C LYS C 164 -16.01 4.90 19.57
N ILE C 165 -17.16 4.74 18.91
CA ILE C 165 -18.37 5.46 19.29
C ILE C 165 -19.52 4.47 19.39
N THR C 166 -20.50 4.81 20.22
CA THR C 166 -21.72 4.03 20.37
C THR C 166 -22.89 5.00 20.19
N LEU C 167 -23.71 4.77 19.16
CA LEU C 167 -24.79 5.69 18.85
C LEU C 167 -25.93 5.56 19.85
N GLU C 168 -26.59 6.67 20.10
CA GLU C 168 -27.71 6.72 21.05
C GLU C 168 -28.99 7.31 20.46
N GLN C 169 -28.90 8.40 19.71
CA GLN C 169 -30.08 9.09 19.24
C GLN C 169 -29.72 9.97 18.05
N PRO C 170 -30.71 10.43 17.28
CA PRO C 170 -30.41 11.34 16.16
C PRO C 170 -29.86 12.66 16.67
N VAL C 171 -29.01 13.27 15.84
CA VAL C 171 -28.49 14.60 16.19
C VAL C 171 -29.64 15.59 16.23
N PRO C 172 -29.83 16.35 17.31
CA PRO C 172 -30.99 17.27 17.35
C PRO C 172 -31.01 18.29 16.23
N ASP C 173 -29.87 18.90 15.92
CA ASP C 173 -29.77 19.93 14.87
C ASP C 173 -28.63 19.54 13.95
N PRO C 174 -28.91 18.70 12.93
CA PRO C 174 -27.81 18.24 12.05
C PRO C 174 -27.06 19.38 11.38
N ALA C 175 -27.77 20.40 10.89
CA ALA C 175 -27.11 21.51 10.21
C ALA C 175 -26.04 22.15 11.10
N ALA C 176 -26.29 22.22 12.40
CA ALA C 176 -25.39 22.90 13.31
C ALA C 176 -24.03 22.22 13.42
N LEU C 177 -23.92 20.96 12.98
CA LEU C 177 -22.63 20.28 13.05
C LEU C 177 -21.55 21.04 12.29
N MET C 178 -21.93 21.79 11.26
CA MET C 178 -21.00 22.55 10.43
C MET C 178 -21.03 24.04 10.75
N SER C 179 -21.25 24.40 12.02
CA SER C 179 -21.41 25.81 12.36
C SER C 179 -20.07 26.55 12.39
N ARG C 180 -19.01 25.91 12.89
CA ARG C 180 -17.71 26.56 12.95
C ARG C 180 -17.00 26.45 11.60
N PRO C 181 -16.65 27.56 10.96
CA PRO C 181 -15.86 27.47 9.72
C PRO C 181 -14.47 26.93 10.01
N VAL C 182 -13.95 26.16 9.06
CA VAL C 182 -12.61 25.61 9.18
C VAL C 182 -11.60 26.67 8.72
N ILE C 183 -10.54 26.85 9.50
CA ILE C 183 -9.46 27.75 9.17
C ILE C 183 -8.23 26.91 8.83
N ASN C 184 -7.55 27.26 7.74
CA ASN C 184 -6.39 26.55 7.26
C ASN C 184 -5.29 27.55 6.93
N LEU C 185 -4.15 27.03 6.50
CA LEU C 185 -2.97 27.86 6.20
C LEU C 185 -2.36 27.36 4.88
N ARG C 186 -2.59 28.11 3.82
CA ARG C 186 -1.87 27.87 2.57
C ARG C 186 -0.41 28.21 2.75
N HIS C 187 0.47 27.27 2.44
CA HIS C 187 1.90 27.43 2.73
C HIS C 187 2.70 26.70 1.67
N PHE C 188 3.61 27.42 1.02
CA PHE C 188 4.49 26.85 0.00
C PHE C 188 5.87 27.49 0.13
N PRO C 189 6.90 26.76 0.55
CA PRO C 189 8.18 27.39 0.87
C PRO C 189 9.00 27.69 -0.37
N ARG C 190 10.07 28.46 -0.14
CA ARG C 190 11.09 28.74 -1.15
C ARG C 190 12.32 27.88 -0.90
N LEU C 191 12.99 27.49 -1.98
CA LEU C 191 14.20 26.69 -1.91
C LEU C 191 15.46 27.47 -2.26
N ALA C 192 15.33 28.64 -2.89
CA ALA C 192 16.49 29.46 -3.19
C ALA C 192 17.29 29.74 -1.92
N ALA C 193 18.60 29.60 -2.02
CA ALA C 193 19.47 29.81 -0.87
C ALA C 193 19.21 31.18 -0.25
N GLY C 194 19.12 31.22 1.08
CA GLY C 194 18.85 32.44 1.79
C GLY C 194 17.39 32.74 2.01
N GLN C 195 16.48 31.98 1.40
CA GLN C 195 15.05 32.25 1.51
C GLN C 195 14.28 31.05 2.06
N HIS C 196 14.96 30.11 2.71
CA HIS C 196 14.27 28.96 3.28
C HIS C 196 13.31 29.36 4.39
N ASP C 197 13.44 30.57 4.94
CA ASP C 197 12.52 31.08 5.94
C ASP C 197 11.58 32.15 5.36
N GLN C 198 11.53 32.29 4.04
CA GLN C 198 10.69 33.27 3.36
C GLN C 198 9.78 32.54 2.40
N PRO C 199 8.70 31.93 2.90
CA PRO C 199 7.83 31.14 2.02
C PRO C 199 7.20 31.99 0.93
N ALA C 200 7.00 31.36 -0.24
CA ALA C 200 6.40 32.06 -1.36
C ALA C 200 4.90 32.27 -1.14
N VAL C 201 4.24 31.29 -0.53
CA VAL C 201 2.84 31.39 -0.13
C VAL C 201 2.77 31.13 1.37
N HIS C 202 2.08 32.01 2.09
CA HIS C 202 1.90 31.85 3.54
C HIS C 202 0.73 32.75 3.92
N GLU C 203 -0.47 32.16 3.94
CA GLU C 203 -1.68 32.95 4.10
C GLU C 203 -2.74 32.15 4.83
N LEU C 204 -3.31 32.75 5.87
CA LEU C 204 -4.44 32.16 6.56
C LEU C 204 -5.67 32.23 5.67
N VAL C 205 -6.43 31.13 5.63
CA VAL C 205 -7.60 31.04 4.77
C VAL C 205 -8.76 30.42 5.55
N MET C 206 -9.97 30.74 5.11
CA MET C 206 -11.19 30.11 5.60
C MET C 206 -11.76 29.21 4.52
N SER C 207 -12.05 27.96 4.89
CA SER C 207 -12.65 27.02 3.97
C SER C 207 -14.04 27.51 3.54
N VAL C 208 -14.31 27.47 2.24
CA VAL C 208 -15.60 27.85 1.69
C VAL C 208 -16.23 26.60 1.08
N LEU C 209 -17.39 26.22 1.59
CA LEU C 209 -18.10 25.01 1.14
C LEU C 209 -19.43 25.41 0.52
N ASP C 210 -19.67 24.95 -0.71
CA ASP C 210 -20.92 25.20 -1.40
C ASP C 210 -21.91 24.06 -1.17
N ASP C 211 -23.18 24.41 -1.01
CA ASP C 211 -24.28 23.43 -1.03
C ASP C 211 -24.08 22.36 0.04
N THR C 212 -23.61 22.76 1.21
CA THR C 212 -23.34 21.80 2.26
C THR C 212 -24.62 21.08 2.67
N ALA C 213 -24.52 19.75 2.83
CA ALA C 213 -25.64 18.92 3.21
C ALA C 213 -25.18 17.87 4.20
N VAL C 214 -26.01 17.61 5.22
CA VAL C 214 -25.77 16.56 6.20
C VAL C 214 -27.01 15.67 6.23
N SER C 215 -26.80 14.36 6.42
CA SER C 215 -27.91 13.44 6.51
C SER C 215 -27.54 12.29 7.45
N ASP C 216 -28.58 11.58 7.90
CA ASP C 216 -28.41 10.35 8.69
C ASP C 216 -27.53 10.58 9.91
N ALA C 217 -27.71 11.73 10.57
CA ALA C 217 -26.82 12.18 11.63
C ALA C 217 -27.25 11.60 12.98
N TRP C 218 -26.34 10.88 13.63
CA TRP C 218 -26.57 10.30 14.95
C TRP C 218 -25.51 10.78 15.94
N VAL C 219 -25.87 10.79 17.22
CA VAL C 219 -24.96 11.17 18.30
C VAL C 219 -24.98 10.09 19.37
N GLY C 220 -23.88 9.99 20.10
CA GLY C 220 -23.76 9.01 21.16
C GLY C 220 -22.51 9.22 22.01
N THR C 221 -21.99 8.14 22.58
CA THR C 221 -20.80 8.19 23.41
C THR C 221 -19.56 7.88 22.57
N ALA C 222 -18.39 8.15 23.14
CA ALA C 222 -17.15 8.05 22.37
C ALA C 222 -15.97 7.75 23.27
N ASP C 223 -15.00 7.02 22.71
CA ASP C 223 -13.67 6.84 23.27
C ASP C 223 -12.65 7.24 22.22
N LEU C 224 -11.57 7.87 22.65
CA LEU C 224 -10.55 8.33 21.72
C LEU C 224 -9.20 8.43 22.42
N ALA C 225 -8.15 8.06 21.69
CA ALA C 225 -6.77 8.24 22.16
C ALA C 225 -5.86 8.58 20.99
N PHE C 226 -4.96 9.52 21.22
CA PHE C 226 -3.86 9.81 20.30
C PHE C 226 -2.60 9.13 20.81
N LEU C 227 -1.82 8.57 19.89
CA LEU C 227 -0.66 7.78 20.26
C LEU C 227 0.61 8.47 19.80
N PRO C 228 1.65 8.55 20.64
CA PRO C 228 2.92 9.13 20.18
C PRO C 228 3.50 8.34 19.02
N ALA C 229 4.14 9.04 18.10
CA ALA C 229 4.76 8.43 16.93
C ALA C 229 5.94 9.29 16.49
N HIS C 230 6.97 8.64 15.96
CA HIS C 230 8.08 9.37 15.38
C HIS C 230 7.60 10.22 14.22
N GLY C 231 8.05 11.47 14.17
CA GLY C 231 7.71 12.36 13.08
C GLY C 231 6.30 12.90 13.11
N GLU C 232 5.59 12.75 14.23
CA GLU C 232 4.23 13.27 14.38
C GLU C 232 4.15 14.03 15.69
N GLU C 233 3.15 14.92 15.79
CA GLU C 233 2.94 15.72 16.99
C GLU C 233 1.49 15.69 17.45
N LEU C 234 0.67 14.81 16.87
CA LEU C 234 -0.74 14.71 17.27
C LEU C 234 -0.88 14.42 18.75
N ALA C 235 -0.08 13.48 19.27
CA ALA C 235 -0.18 13.08 20.66
C ALA C 235 0.22 14.18 21.63
N ASP C 236 0.82 15.27 21.15
CA ASP C 236 1.05 16.43 22.00
C ASP C 236 -0.24 17.18 22.31
N LEU C 237 -1.36 16.72 21.75
CA LEU C 237 -2.69 17.20 22.11
C LEU C 237 -3.42 16.05 22.78
N PRO C 238 -2.98 15.65 23.98
CA PRO C 238 -3.54 14.42 24.58
C PRO C 238 -5.02 14.56 24.88
N VAL C 239 -5.74 13.46 24.72
CA VAL C 239 -7.17 13.40 25.03
C VAL C 239 -7.28 13.29 26.55
N ARG C 240 -7.60 14.40 27.20
CA ARG C 240 -7.87 14.38 28.64
C ARG C 240 -9.26 13.84 28.94
N ARG C 241 -10.21 14.11 28.04
CA ARG C 241 -11.58 13.65 28.19
C ARG C 241 -12.24 13.67 26.82
N THR C 242 -13.16 12.74 26.61
CA THR C 242 -13.94 12.69 25.37
C THR C 242 -15.32 13.27 25.61
N GLY C 243 -15.84 13.93 24.58
CA GLY C 243 -17.22 14.37 24.57
C GLY C 243 -18.11 13.41 23.83
N LYS C 244 -18.96 13.94 22.96
CA LYS C 244 -19.91 13.10 22.22
C LYS C 244 -19.24 12.47 21.00
N GLY C 245 -19.79 11.33 20.58
CA GLY C 245 -19.45 10.72 19.31
C GLY C 245 -20.54 10.98 18.29
N PHE C 246 -20.14 11.06 17.02
CA PHE C 246 -21.05 11.44 15.95
C PHE C 246 -20.85 10.52 14.75
N HIS C 247 -21.95 10.30 14.03
CA HIS C 247 -21.94 9.54 12.78
C HIS C 247 -22.92 10.22 11.82
N PHE C 248 -22.44 10.61 10.64
CA PHE C 248 -23.30 11.31 9.69
C PHE C 248 -22.68 11.32 8.31
N ASP C 249 -23.53 11.47 7.31
CA ASP C 249 -23.11 11.74 5.94
C ASP C 249 -22.94 13.24 5.73
N LEU C 250 -21.95 13.59 4.91
CA LEU C 250 -21.61 14.99 4.63
C LEU C 250 -21.33 15.15 3.15
N ALA C 251 -21.84 16.23 2.55
CA ALA C 251 -21.60 16.51 1.15
C ALA C 251 -21.48 18.02 0.95
N PHE C 252 -20.63 18.40 0.00
CA PHE C 252 -20.44 19.81 -0.35
C PHE C 252 -19.63 19.88 -1.65
N THR C 253 -19.54 21.10 -2.18
CA THR C 253 -18.75 21.39 -3.36
C THR C 253 -17.75 22.50 -3.04
N VAL C 254 -16.55 22.39 -3.60
CA VAL C 254 -15.50 23.40 -3.41
C VAL C 254 -15.28 24.11 -4.73
N THR C 255 -15.45 25.43 -4.73
CA THR C 255 -15.15 26.27 -5.87
C THR C 255 -14.38 27.54 -5.49
N ASP C 256 -14.17 27.80 -4.21
CA ASP C 256 -13.72 29.11 -3.75
C ASP C 256 -12.90 28.91 -2.49
N LEU C 257 -12.23 29.98 -2.06
CA LEU C 257 -11.46 29.98 -0.84
C LEU C 257 -11.26 31.43 -0.43
N MET C 258 -11.41 31.71 0.87
CA MET C 258 -11.30 33.07 1.37
C MET C 258 -9.94 33.28 2.02
N THR C 259 -9.17 34.20 1.47
CA THR C 259 -7.91 34.62 2.09
C THR C 259 -8.22 35.59 3.23
N LEU C 260 -7.75 35.25 4.43
CA LEU C 260 -7.95 36.08 5.60
C LEU C 260 -6.79 37.05 5.84
N ALA C 261 -5.56 36.58 5.63
CA ALA C 261 -4.37 37.39 5.87
C ALA C 261 -3.20 36.78 5.12
N ASP C 262 -2.48 37.61 4.37
CA ASP C 262 -1.30 37.19 3.63
C ASP C 262 -0.07 37.65 4.39
N HIS C 263 0.79 36.70 4.76
CA HIS C 263 1.96 37.00 5.58
C HIS C 263 3.28 36.87 4.83
N SER C 264 3.29 36.28 3.64
CA SER C 264 4.53 36.13 2.87
C SER C 264 4.22 35.67 1.45
N MET D 1 -5.46 -28.75 -15.37
CA MET D 1 -4.91 -27.51 -14.75
C MET D 1 -3.48 -27.73 -14.27
N LYS D 2 -2.72 -26.64 -14.23
CA LYS D 2 -1.30 -26.69 -13.91
C LYS D 2 -1.00 -25.67 -12.81
N GLY D 3 0.20 -25.76 -12.27
CA GLY D 3 0.64 -24.84 -11.22
C GLY D 3 1.10 -25.55 -9.97
N TYR D 4 1.87 -24.85 -9.14
CA TYR D 4 2.38 -25.41 -7.89
C TYR D 4 1.52 -25.00 -6.71
N THR D 5 1.35 -23.70 -6.49
CA THR D 5 0.37 -23.18 -5.55
C THR D 5 -0.88 -22.74 -6.30
N VAL D 6 -1.90 -22.36 -5.55
CA VAL D 6 -3.10 -21.78 -6.13
C VAL D 6 -2.76 -20.38 -6.62
N PRO D 7 -3.47 -19.82 -7.60
CA PRO D 7 -4.48 -20.55 -8.37
C PRO D 7 -3.85 -21.50 -9.38
N LEU D 8 -4.35 -22.73 -9.45
CA LEU D 8 -4.03 -23.59 -10.59
C LEU D 8 -4.77 -23.06 -11.81
N SER D 9 -4.19 -23.29 -12.99
CA SER D 9 -4.64 -22.57 -14.17
C SER D 9 -4.26 -23.39 -15.41
N PRO D 10 -4.79 -23.02 -16.57
CA PRO D 10 -4.45 -23.75 -17.80
C PRO D 10 -2.98 -23.66 -18.19
N ARG D 11 -2.35 -22.51 -17.96
CA ARG D 11 -0.96 -22.30 -18.38
C ARG D 11 0.03 -22.34 -17.23
N GLY D 12 -0.43 -22.49 -15.99
CA GLY D 12 0.48 -22.58 -14.87
C GLY D 12 1.27 -21.33 -14.61
N ILE D 13 0.74 -20.17 -14.97
CA ILE D 13 1.39 -18.88 -14.75
C ILE D 13 0.75 -18.11 -13.59
N ALA D 14 -0.57 -18.24 -13.44
CA ALA D 14 -1.29 -17.43 -12.44
C ALA D 14 -0.93 -17.79 -11.01
N ASN D 15 -0.42 -19.00 -10.77
CA ASN D 15 -0.14 -19.44 -9.41
C ASN D 15 0.78 -18.45 -8.70
N LEU D 16 0.52 -18.26 -7.40
CA LEU D 16 1.32 -17.33 -6.61
C LEU D 16 2.80 -17.68 -6.69
N ALA D 17 3.14 -18.96 -6.59
CA ALA D 17 4.52 -19.40 -6.67
C ALA D 17 4.59 -20.65 -7.56
N PRO D 18 5.53 -20.72 -8.48
CA PRO D 18 5.74 -21.94 -9.26
C PRO D 18 6.51 -22.96 -8.44
N ALA D 19 6.76 -24.12 -9.03
CA ALA D 19 7.53 -25.14 -8.35
C ALA D 19 8.96 -24.67 -8.14
N PRO D 20 9.64 -25.16 -7.10
CA PRO D 20 11.06 -24.88 -6.95
C PRO D 20 11.83 -25.32 -8.18
N PRO D 21 13.11 -24.92 -8.31
CA PRO D 21 13.89 -24.18 -7.31
C PRO D 21 13.49 -22.73 -7.10
N TRP D 22 13.57 -22.28 -5.86
CA TRP D 22 13.43 -20.89 -5.49
C TRP D 22 14.79 -20.36 -5.07
N HIS D 23 15.26 -19.30 -5.72
CA HIS D 23 16.56 -18.71 -5.45
C HIS D 23 16.37 -17.39 -4.70
N TYR D 24 17.26 -17.14 -3.75
CA TYR D 24 17.18 -15.96 -2.88
C TYR D 24 18.53 -15.27 -2.79
N ALA D 25 18.50 -13.94 -2.87
CA ALA D 25 19.62 -13.08 -2.56
C ALA D 25 19.11 -11.94 -1.72
N GLY D 26 19.75 -11.70 -0.57
CA GLY D 26 19.25 -10.70 0.34
C GLY D 26 20.35 -10.04 1.15
N THR D 27 19.97 -8.94 1.79
CA THR D 27 20.83 -8.21 2.71
C THR D 27 20.14 -8.15 4.06
N VAL D 28 20.85 -8.52 5.11
CA VAL D 28 20.26 -8.74 6.43
C VAL D 28 20.79 -7.69 7.40
N VAL D 29 19.88 -7.05 8.13
CA VAL D 29 20.18 -6.36 9.37
C VAL D 29 19.65 -7.23 10.50
N GLY D 30 20.57 -7.74 11.33
CA GLY D 30 20.22 -8.69 12.37
C GLY D 30 20.61 -8.17 13.75
N VAL D 31 19.83 -8.57 14.75
CA VAL D 31 20.09 -8.18 16.13
C VAL D 31 19.93 -9.40 17.02
N GLU D 32 20.98 -9.75 17.74
CA GLU D 32 20.89 -10.74 18.81
C GLU D 32 20.21 -10.10 20.02
N PHE D 33 19.23 -10.80 20.59
CA PHE D 33 18.52 -10.29 21.76
C PHE D 33 18.27 -11.42 22.74
N PHE D 34 17.88 -11.04 23.95
CA PHE D 34 17.62 -11.98 25.03
C PHE D 34 16.31 -11.61 25.70
N THR D 35 15.39 -12.56 25.77
CA THR D 35 14.11 -12.39 26.44
C THR D 35 14.03 -13.34 27.63
N ASP D 36 12.89 -13.37 28.29
CA ASP D 36 12.70 -14.30 29.40
C ASP D 36 12.71 -15.74 28.88
N PRO D 37 13.52 -16.62 29.45
CA PRO D 37 13.50 -18.02 28.98
C PRO D 37 12.11 -18.63 28.96
N ALA D 38 11.28 -18.33 29.96
CA ALA D 38 9.94 -18.91 30.00
C ALA D 38 9.07 -18.34 28.89
N ALA D 39 9.24 -17.06 28.55
CA ALA D 39 8.47 -16.48 27.46
C ALA D 39 8.83 -17.15 26.12
N ALA D 40 10.12 -17.36 25.88
CA ALA D 40 10.53 -18.09 24.68
C ALA D 40 9.99 -19.51 24.69
N ALA D 41 10.06 -20.19 25.83
CA ALA D 41 9.59 -21.57 25.91
C ALA D 41 8.10 -21.67 25.60
N ALA D 42 7.32 -20.65 25.94
CA ALA D 42 5.88 -20.70 25.71
C ALA D 42 5.53 -20.77 24.22
N THR D 43 6.42 -20.31 23.34
CA THR D 43 6.15 -20.32 21.91
C THR D 43 6.57 -21.62 21.23
N LEU D 44 7.31 -22.48 21.92
CA LEU D 44 7.89 -23.64 21.26
C LEU D 44 6.81 -24.69 20.98
N PRO D 45 6.83 -25.31 19.79
CA PRO D 45 5.93 -26.42 19.52
C PRO D 45 6.39 -27.68 20.24
N GLU D 46 5.48 -28.66 20.32
CA GLU D 46 5.86 -29.96 20.85
C GLU D 46 6.89 -30.61 19.93
N GLY D 47 7.99 -31.06 20.52
CA GLY D 47 9.12 -31.61 19.80
C GLY D 47 10.40 -30.84 20.01
N LEU D 48 10.29 -29.55 20.31
CA LEU D 48 11.45 -28.73 20.66
C LEU D 48 11.51 -28.52 22.16
N THR D 49 12.73 -28.45 22.68
CA THR D 49 12.98 -28.26 24.09
C THR D 49 13.76 -26.97 24.30
N PRO D 50 13.65 -26.36 25.49
CA PRO D 50 14.46 -25.17 25.76
C PRO D 50 15.94 -25.45 25.57
N ASP D 51 16.65 -24.45 25.08
CA ASP D 51 18.10 -24.58 24.91
C ASP D 51 18.76 -24.61 26.29
N PRO D 52 19.49 -25.67 26.65
CA PRO D 52 20.06 -25.73 28.00
C PRO D 52 21.13 -24.68 28.25
N ASP D 53 21.73 -24.11 27.20
CA ASP D 53 22.82 -23.16 27.36
C ASP D 53 22.40 -21.72 27.12
N SER D 54 21.43 -21.48 26.23
CA SER D 54 21.10 -20.12 25.83
C SER D 54 19.59 -19.89 25.76
N ALA D 55 18.83 -20.59 26.60
CA ALA D 55 17.39 -20.36 26.65
C ALA D 55 17.10 -18.87 26.84
N GLY D 56 16.21 -18.35 26.01
CA GLY D 56 15.88 -16.94 26.02
C GLY D 56 16.57 -16.13 24.95
N ARG D 57 17.63 -16.65 24.36
CA ARG D 57 18.31 -15.96 23.27
C ARG D 57 17.50 -16.07 21.98
N GLY D 58 17.55 -15.01 21.18
CA GLY D 58 16.90 -15.01 19.89
C GLY D 58 17.62 -14.08 18.94
N VAL D 59 17.20 -14.11 17.68
CA VAL D 59 17.75 -13.26 16.64
C VAL D 59 16.58 -12.60 15.91
N ALA D 60 16.64 -11.28 15.79
CA ALA D 60 15.68 -10.53 14.99
C ALA D 60 16.37 -10.12 13.69
N MET D 61 15.75 -10.45 12.55
CA MET D 61 16.34 -10.22 11.24
C MET D 61 15.38 -9.38 10.39
N PHE D 62 15.94 -8.32 9.80
CA PHE D 62 15.26 -7.53 8.79
C PHE D 62 16.01 -7.75 7.48
N ILE D 63 15.30 -8.23 6.45
CA ILE D 63 15.96 -8.66 5.23
C ILE D 63 15.29 -8.01 4.02
N ASP D 64 16.12 -7.48 3.12
CA ASP D 64 15.70 -7.04 1.79
C ASP D 64 16.00 -8.17 0.82
N TRP D 65 14.96 -8.90 0.42
CA TRP D 65 15.11 -10.10 -0.40
C TRP D 65 14.86 -9.80 -1.88
N GLN D 66 15.54 -10.58 -2.72
CA GLN D 66 15.21 -10.68 -4.13
C GLN D 66 15.12 -12.16 -4.49
N TYR D 67 14.00 -12.54 -5.09
CA TYR D 67 13.70 -13.94 -5.40
C TYR D 67 13.78 -14.15 -6.90
N SER D 68 14.13 -15.37 -7.28
CA SER D 68 14.06 -15.76 -8.69
C SER D 68 13.90 -17.27 -8.77
N SER D 69 13.45 -17.73 -9.94
CA SER D 69 13.35 -19.15 -10.22
C SER D 69 14.19 -19.49 -11.43
N THR D 70 13.65 -20.29 -12.36
CA THR D 70 14.43 -20.78 -13.48
C THR D 70 14.38 -19.88 -14.71
N GLY D 71 13.69 -18.74 -14.64
CA GLY D 71 13.53 -17.91 -15.82
C GLY D 71 13.82 -16.42 -15.62
N LEU D 72 14.83 -16.10 -14.82
CA LEU D 72 15.21 -14.70 -14.59
C LEU D 72 14.03 -13.89 -14.06
N GLU D 73 13.29 -14.48 -13.11
CA GLU D 73 12.18 -13.78 -12.51
C GLU D 73 12.61 -12.50 -11.79
N TYR D 74 13.89 -12.37 -11.45
CA TYR D 74 14.32 -11.14 -10.79
C TYR D 74 14.27 -9.93 -11.71
N LEU D 75 14.03 -10.13 -13.01
CA LEU D 75 13.78 -9.02 -13.92
C LEU D 75 12.37 -8.45 -13.79
N ASP D 76 11.53 -9.03 -12.93
CA ASP D 76 10.19 -8.52 -12.62
C ASP D 76 10.15 -8.14 -11.14
N PRO D 77 10.86 -7.08 -10.75
CA PRO D 77 10.98 -6.77 -9.32
C PRO D 77 9.67 -6.45 -8.63
N ALA D 78 8.64 -6.01 -9.37
CA ALA D 78 7.36 -5.74 -8.74
C ALA D 78 6.79 -7.00 -8.09
N ARG D 79 7.14 -8.18 -8.60
CA ARG D 79 6.71 -9.44 -7.99
C ARG D 79 7.82 -10.13 -7.21
N SER D 80 9.08 -9.96 -7.61
CA SER D 80 10.16 -10.80 -7.09
C SER D 80 10.85 -10.22 -5.86
N GLN D 81 10.77 -8.92 -5.65
CA GLN D 81 11.41 -8.31 -4.49
C GLN D 81 10.43 -8.19 -3.33
N TYR D 82 10.93 -8.41 -2.12
CA TYR D 82 10.09 -8.28 -0.94
C TYR D 82 10.99 -8.07 0.26
N ARG D 83 10.39 -7.52 1.32
CA ARG D 83 11.11 -7.20 2.54
C ARG D 83 10.47 -7.97 3.68
N GLU D 84 11.32 -8.42 4.61
CA GLU D 84 10.94 -9.47 5.54
C GLU D 84 11.49 -9.16 6.93
N PHE D 85 10.67 -9.41 7.94
CA PHE D 85 11.08 -9.32 9.34
C PHE D 85 10.67 -10.61 10.04
N LEU D 86 11.62 -11.24 10.71
CA LEU D 86 11.34 -12.47 11.46
C LEU D 86 12.19 -12.48 12.72
N ILE D 87 11.77 -13.30 13.67
CA ILE D 87 12.60 -13.63 14.83
C ILE D 87 12.75 -15.13 14.89
N THR D 88 13.89 -15.56 15.40
CA THR D 88 14.10 -16.94 15.78
C THR D 88 14.48 -16.99 17.26
N LEU D 89 14.14 -18.11 17.91
CA LEU D 89 14.46 -18.32 19.31
C LEU D 89 15.30 -19.57 19.44
N ASP D 90 16.40 -19.48 20.19
CA ASP D 90 17.22 -20.64 20.46
C ASP D 90 16.40 -21.74 21.10
N ALA D 91 16.61 -22.96 20.62
CA ALA D 91 15.95 -24.14 21.18
C ALA D 91 16.82 -25.34 20.86
N HIS D 92 16.40 -26.50 21.35
CA HIS D 92 17.05 -27.76 21.05
C HIS D 92 16.07 -28.71 20.38
N CYS D 93 16.58 -29.47 19.42
CA CYS D 93 15.87 -30.60 18.84
C CYS D 93 16.73 -31.83 19.10
N ASN D 94 16.33 -32.64 20.06
CA ASN D 94 17.04 -33.87 20.41
C ASN D 94 18.53 -33.60 20.63
N GLY D 95 18.81 -32.59 21.46
CA GLY D 95 20.16 -32.25 21.83
C GLY D 95 20.93 -31.40 20.84
N ALA D 96 20.34 -31.08 19.69
CA ALA D 96 21.04 -30.26 18.71
C ALA D 96 20.52 -28.82 18.75
N PRO D 97 21.40 -27.82 18.70
CA PRO D 97 20.92 -26.42 18.71
C PRO D 97 20.19 -26.08 17.42
N VAL D 98 19.02 -25.47 17.55
CA VAL D 98 18.18 -25.09 16.43
C VAL D 98 17.61 -23.70 16.70
N ALA D 99 16.97 -23.15 15.67
CA ALA D 99 16.38 -21.81 15.71
C ALA D 99 14.91 -21.92 15.33
N TRP D 100 14.02 -21.79 16.32
CA TRP D 100 12.59 -21.85 16.08
C TRP D 100 12.07 -20.48 15.66
N CYS D 101 11.22 -20.47 14.63
CA CYS D 101 10.66 -19.22 14.10
C CYS D 101 9.18 -19.12 14.45
N PRO D 102 8.79 -18.29 15.43
CA PRO D 102 7.37 -18.16 15.77
C PRO D 102 6.62 -17.14 14.94
N TYR D 103 7.29 -16.07 14.52
CA TYR D 103 6.64 -14.95 13.85
C TYR D 103 7.52 -14.45 12.71
N ILE D 104 6.88 -14.06 11.61
CA ILE D 104 7.57 -13.54 10.45
C ILE D 104 6.58 -12.74 9.61
N TYR D 105 7.06 -11.66 9.00
CA TYR D 105 6.23 -10.72 8.26
C TYR D 105 6.90 -10.37 6.95
N VAL D 106 6.11 -10.29 5.88
CA VAL D 106 6.59 -9.93 4.55
C VAL D 106 5.60 -8.97 3.91
N ASP D 107 6.05 -8.28 2.87
CA ASP D 107 5.22 -7.31 2.17
C ASP D 107 4.86 -7.76 0.76
N ASN D 108 4.71 -9.07 0.56
CA ASN D 108 4.54 -9.64 -0.77
C ASN D 108 3.73 -10.93 -0.66
N ASP D 109 2.72 -11.09 -1.52
CA ASP D 109 1.83 -12.23 -1.39
C ASP D 109 2.49 -13.51 -1.85
N ALA D 110 3.29 -13.46 -2.92
CA ALA D 110 4.03 -14.64 -3.35
C ALA D 110 4.97 -15.13 -2.26
N ALA D 111 5.66 -14.20 -1.59
CA ALA D 111 6.52 -14.57 -0.47
C ALA D 111 5.71 -15.22 0.64
N MET D 112 4.53 -14.67 0.94
CA MET D 112 3.68 -15.26 1.98
C MET D 112 3.30 -16.70 1.62
N ALA D 113 2.97 -16.95 0.36
CA ALA D 113 2.61 -18.30 -0.07
C ALA D 113 3.80 -19.25 0.03
N ARG D 114 4.96 -18.84 -0.50
CA ARG D 114 6.15 -19.66 -0.38
C ARG D 114 6.47 -19.96 1.08
N GLY D 115 6.27 -18.98 1.95
CA GLY D 115 6.53 -19.20 3.37
C GLY D 115 5.63 -20.26 3.97
N TRP D 116 4.32 -20.16 3.71
N TRP D 116 4.32 -20.15 3.73
CA TRP D 116 3.38 -21.14 4.23
CA TRP D 116 3.39 -21.15 4.24
C TRP D 116 3.76 -22.55 3.80
C TRP D 116 3.80 -22.55 3.82
N VAL D 117 4.17 -22.72 2.54
CA VAL D 117 4.59 -24.03 2.07
C VAL D 117 5.79 -24.53 2.85
N GLN D 118 6.71 -23.61 3.19
CA GLN D 118 7.89 -23.96 3.99
C GLN D 118 7.57 -24.11 5.48
N GLY D 119 6.42 -23.64 5.93
CA GLY D 119 6.13 -23.62 7.36
C GLY D 119 6.47 -22.32 8.05
N PHE D 120 7.02 -21.34 7.33
CA PHE D 120 7.17 -20.00 7.88
C PHE D 120 5.78 -19.40 8.08
N PRO D 121 5.41 -18.99 9.29
CA PRO D 121 4.04 -18.48 9.51
C PRO D 121 3.89 -17.02 9.09
N LYS D 122 4.04 -16.76 7.79
CA LYS D 122 4.13 -15.39 7.30
C LYS D 122 2.79 -14.68 7.34
N LYS D 123 2.82 -13.43 7.79
CA LYS D 123 1.72 -12.49 7.64
C LYS D 123 2.22 -11.28 6.88
N LEU D 124 1.30 -10.42 6.46
CA LEU D 124 1.69 -9.20 5.76
C LEU D 124 2.14 -8.14 6.75
N GLY D 125 3.19 -7.41 6.37
CA GLY D 125 3.68 -6.30 7.17
C GLY D 125 4.51 -5.38 6.31
N ALA D 126 4.86 -4.24 6.89
CA ALA D 126 5.72 -3.26 6.25
C ALA D 126 7.08 -3.28 6.94
N VAL D 127 8.13 -3.56 6.17
CA VAL D 127 9.48 -3.75 6.69
C VAL D 127 10.43 -2.84 5.94
N HIS D 128 11.35 -2.21 6.66
CA HIS D 128 12.31 -1.29 6.08
C HIS D 128 13.66 -1.43 6.80
N GLN D 129 14.75 -1.28 6.05
CA GLN D 129 16.09 -1.23 6.62
C GLN D 129 16.92 -0.19 5.88
N THR D 130 17.78 0.50 6.62
CA THR D 130 18.75 1.39 6.01
C THR D 130 19.58 0.62 4.98
N ARG D 131 19.88 1.28 3.86
CA ARG D 131 20.66 0.69 2.78
C ARG D 131 22.00 1.40 2.66
N ALA D 132 23.04 0.64 2.31
CA ALA D 132 24.38 1.18 2.08
C ALA D 132 24.63 1.28 0.59
N TYR D 133 25.01 2.47 0.13
CA TYR D 133 25.32 2.71 -1.27
C TYR D 133 26.83 2.93 -1.42
N SER D 134 27.42 2.27 -2.42
CA SER D 134 28.87 2.32 -2.57
C SER D 134 29.36 3.70 -3.03
N VAL D 135 28.49 4.53 -3.61
CA VAL D 135 28.90 5.87 -4.00
C VAL D 135 29.26 6.70 -2.77
N GLY D 136 28.69 6.37 -1.62
CA GLY D 136 28.97 7.11 -0.40
C GLY D 136 28.29 8.47 -0.36
N GLY D 137 28.67 9.25 0.63
CA GLY D 137 28.12 10.57 0.82
C GLY D 137 27.17 10.62 2.01
N PRO D 138 26.65 11.82 2.30
CA PRO D 138 25.81 11.98 3.51
C PRO D 138 24.46 11.31 3.43
N GLY D 139 24.09 10.72 2.31
CA GLY D 139 22.83 10.01 2.19
C GLY D 139 22.89 8.54 2.54
N THR D 140 24.05 8.03 2.92
CA THR D 140 24.21 6.60 3.16
C THR D 140 25.22 6.38 4.28
N PRO D 141 25.04 5.33 5.08
CA PRO D 141 26.13 4.91 5.97
C PRO D 141 27.22 4.21 5.18
N VAL D 142 28.38 4.11 5.82
CA VAL D 142 29.46 3.29 5.29
C VAL D 142 29.22 1.84 5.70
N LEU D 143 29.45 0.92 4.77
CA LEU D 143 29.41 -0.50 5.11
C LEU D 143 30.78 -0.87 5.68
N GLY D 144 30.97 -0.47 6.94
CA GLY D 144 32.24 -0.64 7.61
C GLY D 144 32.20 -0.06 9.00
N PRO D 145 33.36 0.09 9.64
CA PRO D 145 33.39 0.60 11.01
C PRO D 145 32.65 1.94 11.14
N GLY D 146 31.77 2.03 12.14
CA GLY D 146 31.02 3.23 12.41
C GLY D 146 29.70 3.35 11.67
N GLY D 147 29.46 2.53 10.65
CA GLY D 147 28.23 2.64 9.89
C GLY D 147 27.02 2.27 10.74
N GLN D 148 25.99 3.11 10.68
CA GLN D 148 24.78 2.91 11.46
C GLN D 148 23.61 2.58 10.54
N PHE D 149 22.82 1.58 10.95
CA PHE D 149 21.71 1.08 10.16
C PHE D 149 20.47 0.96 11.03
N GLY D 150 19.36 1.51 10.57
CA GLY D 150 18.09 1.37 11.25
C GLY D 150 17.18 0.39 10.53
N ALA D 151 16.19 -0.12 11.26
CA ALA D 151 15.24 -1.05 10.68
C ALA D 151 13.96 -1.05 11.50
N THR D 152 12.83 -1.20 10.83
CA THR D 152 11.53 -1.17 11.47
C THR D 152 10.61 -2.20 10.82
N ALA D 153 9.59 -2.61 11.56
CA ALA D 153 8.57 -3.52 11.07
C ALA D 153 7.22 -3.11 11.65
N SER D 154 6.20 -3.09 10.79
CA SER D 154 4.83 -2.78 11.18
C SER D 154 3.89 -3.87 10.67
N SER D 155 2.77 -4.03 11.36
CA SER D 155 1.72 -4.94 10.92
C SER D 155 0.37 -4.27 11.13
N ALA D 156 -0.46 -4.28 10.09
CA ALA D 156 -1.78 -3.65 10.13
C ALA D 156 -1.69 -2.22 10.64
N GLY D 157 -0.69 -1.50 10.17
CA GLY D 157 -0.51 -0.10 10.53
C GLY D 157 0.00 0.13 11.93
N GLN D 158 0.54 -0.89 12.59
CA GLN D 158 1.06 -0.79 13.94
C GLN D 158 2.52 -1.19 13.95
N ARG D 159 3.36 -0.34 14.52
CA ARG D 159 4.79 -0.64 14.65
C ARG D 159 4.99 -1.73 15.69
N ILE D 160 5.70 -2.80 15.31
CA ILE D 160 5.96 -3.90 16.22
C ILE D 160 7.44 -4.06 16.56
N ALA D 161 8.36 -3.56 15.75
CA ALA D 161 9.78 -3.67 16.06
C ALA D 161 10.53 -2.48 15.50
N GLU D 162 11.51 -2.01 16.27
CA GLU D 162 12.42 -0.94 15.84
C GLU D 162 13.82 -1.31 16.32
N ALA D 163 14.80 -1.17 15.43
CA ALA D 163 16.17 -1.60 15.72
C ALA D 163 17.16 -0.61 15.14
N LYS D 164 18.36 -0.63 15.70
CA LYS D 164 19.50 0.11 15.16
C LYS D 164 20.77 -0.65 15.49
N ILE D 165 21.70 -0.69 14.55
CA ILE D 165 23.00 -1.32 14.76
C ILE D 165 24.10 -0.34 14.36
N THR D 166 25.28 -0.55 14.93
CA THR D 166 26.48 0.21 14.62
C THR D 166 27.61 -0.78 14.39
N LEU D 167 28.14 -0.82 13.17
CA LEU D 167 29.12 -1.82 12.81
C LEU D 167 30.49 -1.47 13.40
N GLU D 168 31.26 -2.51 13.72
CA GLU D 168 32.56 -2.33 14.35
C GLU D 168 33.67 -3.05 13.58
N GLN D 169 33.47 -4.31 13.21
CA GLN D 169 34.54 -5.05 12.57
C GLN D 169 33.93 -6.19 11.74
N PRO D 170 34.69 -6.76 10.80
CA PRO D 170 34.18 -7.88 10.02
C PRO D 170 33.94 -9.11 10.89
N VAL D 171 33.03 -9.96 10.40
CA VAL D 171 32.75 -11.22 11.08
C VAL D 171 33.89 -12.19 10.77
N PRO D 172 34.55 -12.75 11.79
CA PRO D 172 35.64 -13.70 11.50
C PRO D 172 35.18 -14.93 10.73
N ASP D 173 34.09 -15.56 11.17
CA ASP D 173 33.59 -16.81 10.58
C ASP D 173 32.21 -16.55 9.99
N PRO D 174 32.12 -16.05 8.75
CA PRO D 174 30.80 -15.70 8.20
C PRO D 174 29.86 -16.89 8.08
N ALA D 175 30.36 -18.05 7.66
CA ALA D 175 29.48 -19.21 7.49
C ALA D 175 28.85 -19.63 8.80
N ALA D 176 29.50 -19.35 9.93
CA ALA D 176 28.98 -19.77 11.23
C ALA D 176 27.67 -19.07 11.59
N LEU D 177 27.36 -17.93 10.96
CA LEU D 177 26.12 -17.24 11.27
C LEU D 177 24.90 -18.11 10.98
N MET D 178 25.03 -19.04 10.04
CA MET D 178 23.94 -19.94 9.67
C MET D 178 24.09 -21.32 10.28
N SER D 179 24.70 -21.41 11.47
CA SER D 179 24.98 -22.73 12.05
C SER D 179 23.70 -23.40 12.56
N ARG D 180 22.82 -22.64 13.20
CA ARG D 180 21.58 -23.22 13.72
C ARG D 180 20.56 -23.36 12.59
N PRO D 181 20.05 -24.56 12.32
CA PRO D 181 18.97 -24.69 11.33
C PRO D 181 17.69 -24.09 11.87
N VAL D 182 16.91 -23.50 10.95
CA VAL D 182 15.61 -22.95 11.30
C VAL D 182 14.59 -24.08 11.36
N ILE D 183 13.77 -24.10 12.40
CA ILE D 183 12.67 -25.04 12.55
C ILE D 183 11.36 -24.29 12.34
N ASN D 184 10.46 -24.88 11.57
CA ASN D 184 9.17 -24.28 11.27
C ASN D 184 8.07 -25.31 11.48
N LEU D 185 6.83 -24.89 11.20
CA LEU D 185 5.65 -25.74 11.39
C LEU D 185 4.73 -25.55 10.20
N ARG D 186 4.70 -26.53 9.31
CA ARG D 186 3.68 -26.54 8.26
C ARG D 186 2.32 -26.81 8.88
N HIS D 187 1.35 -25.94 8.59
CA HIS D 187 0.06 -25.98 9.27
C HIS D 187 -1.01 -25.47 8.32
N PHE D 188 -2.03 -26.30 8.08
CA PHE D 188 -3.16 -25.92 7.24
C PHE D 188 -4.42 -26.51 7.84
N PRO D 189 -5.36 -25.68 8.33
CA PRO D 189 -6.49 -26.20 9.09
C PRO D 189 -7.57 -26.81 8.19
N ARG D 190 -8.51 -27.50 8.84
CA ARG D 190 -9.73 -27.97 8.20
C ARG D 190 -10.88 -27.04 8.55
N LEU D 191 -11.80 -26.88 7.59
CA LEU D 191 -12.97 -26.04 7.78
C LEU D 191 -14.26 -26.84 7.91
N ALA D 192 -14.25 -28.13 7.57
CA ALA D 192 -15.42 -28.97 7.77
C ALA D 192 -15.85 -28.93 9.22
N ALA D 193 -17.16 -28.79 9.44
CA ALA D 193 -17.70 -28.66 10.79
C ALA D 193 -17.26 -29.85 11.65
N GLY D 194 -16.91 -29.57 12.90
CA GLY D 194 -16.40 -30.58 13.80
C GLY D 194 -14.92 -30.86 13.67
N GLN D 195 -14.25 -30.29 12.66
CA GLN D 195 -12.84 -30.57 12.39
C GLN D 195 -11.97 -29.33 12.54
N HIS D 196 -12.49 -28.25 13.11
CA HIS D 196 -11.71 -27.02 13.23
C HIS D 196 -10.51 -27.17 14.16
N ASP D 197 -10.49 -28.22 14.99
CA ASP D 197 -9.34 -28.53 15.83
C ASP D 197 -8.54 -29.70 15.29
N GLN D 198 -8.77 -30.09 14.03
CA GLN D 198 -8.12 -31.25 13.40
C GLN D 198 -7.49 -30.80 12.10
N PRO D 199 -6.35 -30.11 12.16
CA PRO D 199 -5.76 -29.58 10.92
C PRO D 199 -5.38 -30.69 9.94
N ALA D 200 -5.53 -30.38 8.66
CA ALA D 200 -5.16 -31.32 7.61
C ALA D 200 -3.65 -31.49 7.50
N VAL D 201 -2.90 -30.42 7.74
CA VAL D 201 -1.45 -30.44 7.75
C VAL D 201 -0.99 -29.87 9.08
N HIS D 202 -0.09 -30.57 9.75
CA HIS D 202 0.45 -30.11 11.03
C HIS D 202 1.71 -30.89 11.35
N GLU D 203 2.86 -30.37 10.94
CA GLU D 203 4.10 -31.13 10.99
C GLU D 203 5.28 -30.22 11.22
N LEU D 204 6.13 -30.58 12.18
CA LEU D 204 7.36 -29.87 12.43
C LEU D 204 8.36 -30.15 11.30
N VAL D 205 9.02 -29.10 10.80
CA VAL D 205 9.93 -29.24 9.67
C VAL D 205 11.22 -28.49 9.96
N MET D 206 12.29 -28.93 9.31
CA MET D 206 13.57 -28.23 9.33
C MET D 206 13.83 -27.62 7.96
N SER D 207 14.15 -26.34 7.94
CA SER D 207 14.48 -25.65 6.70
C SER D 207 15.72 -26.25 6.07
N VAL D 208 15.63 -26.53 4.76
CA VAL D 208 16.75 -27.06 3.98
C VAL D 208 17.15 -26.00 2.98
N LEU D 209 18.39 -25.52 3.09
CA LEU D 209 18.89 -24.43 2.24
C LEU D 209 20.05 -24.95 1.41
N ASP D 210 19.91 -24.88 0.09
CA ASP D 210 20.95 -25.32 -0.84
C ASP D 210 21.93 -24.18 -1.14
N ASP D 211 23.21 -24.53 -1.22
CA ASP D 211 24.23 -23.61 -1.70
C ASP D 211 24.26 -22.31 -0.91
N THR D 212 24.17 -22.42 0.41
CA THR D 212 24.11 -21.24 1.27
C THR D 212 25.41 -20.45 1.19
N ALA D 213 25.27 -19.13 1.08
CA ALA D 213 26.42 -18.24 0.99
C ALA D 213 26.19 -17.01 1.86
N VAL D 214 27.23 -16.58 2.55
CA VAL D 214 27.22 -15.36 3.35
C VAL D 214 28.44 -14.55 2.95
N SER D 215 28.27 -13.24 2.79
CA SER D 215 29.39 -12.39 2.41
C SER D 215 29.20 -10.99 2.98
N ASP D 216 30.29 -10.23 3.00
CA ASP D 216 30.29 -8.85 3.48
C ASP D 216 29.70 -8.77 4.89
N ALA D 217 30.07 -9.73 5.73
CA ALA D 217 29.48 -9.83 7.06
C ALA D 217 30.21 -8.93 8.05
N TRP D 218 29.44 -8.11 8.76
CA TRP D 218 29.97 -7.20 9.77
C TRP D 218 29.21 -7.39 11.08
N VAL D 219 29.89 -7.10 12.19
CA VAL D 219 29.30 -7.21 13.52
C VAL D 219 29.56 -5.92 14.28
N GLY D 220 28.66 -5.61 15.19
CA GLY D 220 28.79 -4.43 16.03
C GLY D 220 27.82 -4.42 17.18
N THR D 221 27.39 -3.23 17.62
CA THR D 221 26.43 -3.09 18.70
C THR D 221 25.02 -2.96 18.13
N ALA D 222 24.02 -3.04 19.01
CA ALA D 222 22.64 -3.04 18.57
C ALA D 222 21.71 -2.53 19.67
N ASP D 223 20.61 -1.90 19.23
CA ASP D 223 19.48 -1.56 20.07
C ASP D 223 18.23 -2.13 19.42
N LEU D 224 17.32 -2.65 20.25
CA LEU D 224 16.12 -3.30 19.74
C LEU D 224 14.98 -3.15 20.73
N ALA D 225 13.77 -2.96 20.19
CA ALA D 225 12.55 -2.96 20.99
C ALA D 225 11.42 -3.60 20.21
N PHE D 226 10.62 -4.41 20.90
CA PHE D 226 9.35 -4.90 20.39
C PHE D 226 8.23 -4.09 21.02
N LEU D 227 7.22 -3.75 20.23
CA LEU D 227 6.16 -2.88 20.69
C LEU D 227 4.83 -3.61 20.70
N PRO D 228 4.03 -3.51 21.78
CA PRO D 228 2.72 -4.15 21.77
C PRO D 228 1.86 -3.63 20.63
N ALA D 229 1.06 -4.52 20.05
CA ALA D 229 0.16 -4.17 18.97
C ALA D 229 -1.06 -5.08 19.02
N HIS D 230 -2.23 -4.53 18.68
CA HIS D 230 -3.44 -5.33 18.63
C HIS D 230 -3.28 -6.45 17.60
N GLY D 231 -3.63 -7.67 17.98
CA GLY D 231 -3.56 -8.79 17.08
C GLY D 231 -2.18 -9.36 16.87
N GLU D 232 -1.21 -9.00 17.71
CA GLU D 232 0.15 -9.50 17.64
C GLU D 232 0.60 -9.92 19.03
N GLU D 233 1.59 -10.82 19.08
CA GLU D 233 2.15 -11.29 20.34
C GLU D 233 3.67 -11.19 20.38
N LEU D 234 4.28 -10.54 19.40
CA LEU D 234 5.73 -10.37 19.39
C LEU D 234 6.22 -9.73 20.69
N ALA D 235 5.55 -8.67 21.12
CA ALA D 235 5.99 -7.94 22.31
C ALA D 235 5.82 -8.74 23.59
N ASP D 236 5.13 -9.88 23.55
CA ASP D 236 5.11 -10.78 24.70
C ASP D 236 6.45 -11.43 24.92
N LEU D 237 7.40 -11.25 24.01
CA LEU D 237 8.80 -11.65 24.19
C LEU D 237 9.62 -10.40 24.49
N PRO D 238 9.57 -9.89 25.72
CA PRO D 238 10.23 -8.61 26.00
C PRO D 238 11.74 -8.68 25.79
N VAL D 239 12.29 -7.62 25.24
CA VAL D 239 13.74 -7.51 25.03
C VAL D 239 14.35 -7.07 26.36
N ARG D 240 14.88 -8.03 27.12
CA ARG D 240 15.56 -7.70 28.37
C ARG D 240 16.95 -7.13 28.11
N ARG D 241 17.57 -7.53 27.01
CA ARG D 241 18.94 -7.12 26.69
C ARG D 241 19.17 -7.39 25.22
N THR D 242 20.02 -6.57 24.61
CA THR D 242 20.44 -6.78 23.23
C THR D 242 21.88 -7.28 23.21
N GLY D 243 22.15 -8.20 22.30
CA GLY D 243 23.49 -8.67 22.04
C GLY D 243 24.13 -7.90 20.90
N LYS D 244 24.82 -8.63 20.03
CA LYS D 244 25.53 -8.01 18.93
C LYS D 244 24.57 -7.67 17.79
N GLY D 245 24.99 -6.69 16.99
CA GLY D 245 24.32 -6.36 15.74
C GLY D 245 25.10 -6.94 14.58
N PHE D 246 24.38 -7.28 13.50
CA PHE D 246 24.98 -7.95 12.36
C PHE D 246 24.46 -7.34 11.06
N HIS D 247 25.33 -7.34 10.05
CA HIS D 247 24.96 -6.91 8.71
C HIS D 247 25.68 -7.82 7.72
N PHE D 248 24.94 -8.46 6.82
CA PHE D 248 25.56 -9.36 5.86
C PHE D 248 24.60 -9.66 4.71
N ASP D 249 25.19 -10.06 3.58
CA ASP D 249 24.44 -10.61 2.47
C ASP D 249 24.25 -12.11 2.67
N LEU D 250 23.12 -12.61 2.18
CA LEU D 250 22.77 -14.03 2.32
C LEU D 250 22.14 -14.51 1.02
N ALA D 251 22.52 -15.72 0.60
CA ALA D 251 21.96 -16.33 -0.59
C ALA D 251 21.83 -17.82 -0.39
N PHE D 252 20.77 -18.40 -0.96
CA PHE D 252 20.55 -19.84 -0.92
C PHE D 252 19.47 -20.19 -1.93
N THR D 253 19.28 -21.49 -2.15
CA THR D 253 18.24 -22.03 -3.00
C THR D 253 17.40 -23.01 -2.19
N VAL D 254 16.10 -23.02 -2.46
CA VAL D 254 15.16 -23.91 -1.79
C VAL D 254 14.62 -24.89 -2.82
N THR D 255 14.83 -26.19 -2.55
CA THR D 255 14.29 -27.25 -3.37
C THR D 255 13.72 -28.39 -2.53
N ASP D 256 13.85 -28.32 -1.21
CA ASP D 256 13.60 -29.47 -0.35
C ASP D 256 13.14 -28.96 1.01
N LEU D 257 12.71 -29.91 1.85
CA LEU D 257 12.24 -29.60 3.19
C LEU D 257 12.17 -30.92 3.95
N MET D 258 12.66 -30.92 5.19
CA MET D 258 12.71 -32.14 6.00
C MET D 258 11.56 -32.13 6.99
N THR D 259 10.72 -33.15 6.92
CA THR D 259 9.68 -33.36 7.91
C THR D 259 10.28 -34.03 9.14
N LEU D 260 10.18 -33.37 10.29
CA LEU D 260 10.69 -33.93 11.54
C LEU D 260 9.65 -34.79 12.26
N ALA D 261 8.41 -34.32 12.32
CA ALA D 261 7.33 -35.06 12.96
C ALA D 261 6.01 -34.61 12.35
N ASP D 262 5.22 -35.58 11.90
CA ASP D 262 3.90 -35.32 11.32
C ASP D 262 2.87 -35.58 12.41
N HIS D 263 2.34 -34.50 12.99
CA HIS D 263 1.29 -34.59 14.01
C HIS D 263 -0.11 -34.66 13.40
N SER D 264 -0.24 -35.21 12.20
CA SER D 264 -1.52 -35.40 11.53
C SER D 264 -1.92 -34.14 10.78
C1 J6S E . -12.63 -14.66 3.02
C10 J6S E . -19.76 -15.80 -3.26
C2 J6S E . -12.36 -14.93 1.58
C3 J6S E . -13.48 -14.87 0.57
C4 J6S E . -14.73 -15.28 0.92
C5 J6S E . -15.71 -15.68 -0.15
C6 J6S E . -16.51 -14.72 -0.72
C7 J6S E . -17.64 -15.11 -1.61
C8A J6S E . -17.79 -14.49 -2.85
C8B J6S E . -18.55 -16.06 -1.20
C9A J6S E . -18.85 -14.84 -3.67
C9B J6S E . -19.61 -16.42 -2.03
N11 J6S E . -20.85 -16.17 -4.11
O11 J6S E . -12.06 -13.59 3.36
O12 J6S E . -13.36 -15.56 3.50
O13 J6S E . -21.59 -17.08 -3.79
O14 J6S E . -21.05 -15.50 -5.29
C FMT F . -23.05 0.45 -18.64
O1 FMT F . -23.93 -0.20 -19.18
O2 FMT F . -23.24 1.04 -17.57
H FMT F . -22.06 0.53 -19.08
HO2 FMT F . -24.12 0.99 -17.13
K K G . -25.91 12.45 -7.82
C1 J6S H . 12.84 14.55 -3.72
C10 J6S H . 18.15 13.89 -11.50
C2 J6S H . 12.25 14.47 -5.10
C3 J6S H . 13.16 14.21 -6.27
C4 J6S H . 14.28 14.98 -6.42
C5 J6S H . 15.47 14.47 -7.17
C6 J6S H . 15.29 13.77 -8.33
C7 J6S H . 16.30 13.82 -9.43
C8A J6S H . 16.19 12.94 -10.49
C8B J6S H . 17.34 14.75 -9.40
C9A J6S H . 17.11 12.97 -11.53
C9B J6S H . 18.26 14.78 -10.43
N11 J6S H . 19.10 13.93 -12.57
O11 J6S H . 12.38 13.61 -3.01
O12 J6S H . 13.64 15.52 -3.65
O13 J6S H . 20.02 14.73 -12.55
O14 J6S H . 18.97 13.05 -13.63
C FMT I . 17.78 -5.57 -23.45
O1 FMT I . 17.98 -5.49 -22.24
O2 FMT I . 18.27 -4.77 -24.23
H FMT I . 17.14 -6.36 -23.86
HO2 FMT I . 18.86 -4.06 -23.90
K K J . 23.64 -14.61 -11.07
C1 J6S K . -9.46 17.18 -0.53
C10 J6S K . -14.56 19.77 7.11
C2 J6S K . -8.80 17.35 0.81
C3 J6S K . -9.64 17.55 2.04
C4 J6S K . -10.89 18.09 1.95
C5 J6S K . -11.53 18.69 3.16
C6 J6S K . -12.46 17.98 3.86
C7 J6S K . -13.19 18.61 5.00
C8A J6S K . -13.96 19.74 4.78
C8B J6S K . -13.10 18.06 6.27
C9A J6S K . -14.64 20.33 5.83
C9B J6S K . -13.79 18.65 7.32
N11 J6S K . -15.27 20.39 8.20
O11 J6S K . -10.07 18.24 -0.84
O12 J6S K . -9.22 16.03 -0.99
O13 J6S K . -15.32 19.83 9.28
O14 J6S K . -15.89 21.60 8.02
C FMT L . -17.78 4.19 23.21
O1 FMT L . -18.39 4.94 23.96
O2 FMT L . -18.30 3.71 22.21
H FMT L . -16.73 3.93 23.41
HO2 FMT L . -19.24 3.92 21.99
K K M . -25.67 -6.56 13.53
C1 J6S N . 9.83 -17.03 0.98
C10 J6S N . 16.75 -17.84 7.48
C2 J6S N . 9.52 -16.84 2.43
C3 J6S N . 10.63 -16.78 3.45
C4 J6S N . 11.78 -17.50 3.25
C5 J6S N . 12.71 -17.73 4.38
C6 J6S N . 13.77 -16.91 4.58
C7 J6S N . 14.81 -17.23 5.60
C8A J6S N . 15.11 -16.32 6.61
C8B J6S N . 15.48 -18.44 5.54
C9A J6S N . 16.09 -16.63 7.55
C9B J6S N . 16.46 -18.75 6.48
N11 J6S N . 17.75 -18.16 8.45
O11 J6S N . 10.41 -18.14 0.82
O12 J6S N . 9.43 -16.04 0.31
O13 J6S N . 18.20 -19.29 8.53
O14 J6S N . 18.22 -17.17 9.30
C FMT O . 23.38 0.63 18.26
O1 FMT O . 23.53 1.25 17.20
O2 FMT O . 24.34 0.31 18.96
H FMT O . 22.38 0.36 18.61
C FMT P . 28.98 -0.66 0.20
O1 FMT P . 28.27 -0.64 -0.81
O2 FMT P . 30.02 -0.01 0.27
H FMT P . 28.69 -1.26 1.06
HO2 FMT P . 30.31 0.54 -0.49
K K Q . 28.26 8.71 4.80
#